data_3V89
#
_entry.id   3V89
#
_cell.length_a   58.054
_cell.length_b   107.592
_cell.length_c   130.719
_cell.angle_alpha   90.00
_cell.angle_beta   94.48
_cell.angle_gamma   90.00
#
_symmetry.space_group_name_H-M   'P 1 21 1'
#
loop_
_entity.id
_entity.type
_entity.pdbx_description
1 polymer 'Transferrin-binding protein A'
2 polymer Serotransferrin
#
loop_
_entity_poly.entity_id
_entity_poly.type
_entity_poly.pdbx_seq_one_letter_code
_entity_poly.pdbx_strand_id
1 'polypeptide(L)'
;MDIHHHHHHHHHHENVQAGQAQEKQLDTIQVKAKKQKTRRDNEVTGLGKLVKSSDTLSKEQVLNIRDLTRYDPGIAVVEQ
GRGASSGYSIRGMDKNRVSLTVDGVSQIQSYTAQAALGGTRTAGSSGAINEIEYENVKAVEISKGSNSVEQGSGALAGSV
AFQTKTADDVIGEGRQWGIQSKTAYSGKNRGLTQSIALAGRIGGAEALLIHTGRRAGEIRAHEDAGRGVQSFNRLVPVED
SSNYAYFIVKEECKNGSYETCKANPKKDVVGKDERQTVSTRDYTGPNRFLADPLSYESRSWLFRPGFRFENKRHYIGGIL
EHTQQTFDTRDMTVPAFLTKAVFDANKKQAGSLPGNGKYAGNHKYGGLFTNGENGALVGAEYGTGVFYDETHTKSRYGLE
YVYTNADKDTWADYARLSYDRQGVGLDNHFQQTHCSADGSDKYCRPSADKPFSYYKSDRVIYGESHRLLQAAFKKSFDTA
KIRHNLSVNLGFDRFGSNLRHQDYYYQHANRAYSSNTPPQNNGKKISPNGSETSPYWVTIGRGNVVTGQICRLGNNTYTD
CTPRSINGKSYYAAVRDNVRLGRWADVGAGLRYDYRSTHSDDGSVSTGTHRTLSWNAGIVLKPTDWLDLTYRTSTGFRLP
SFAEMYGWRAGVQSKAVKIDPEKSFNKEAGIVFKGDFGNLEASWFNNAYRDLIVRGYEAQIKDGKEEAKGDPAYLNAQSA
RITGINILGKIDWNGVWDKLPEGWYSTFAYNRVRVRDIKKRADRTDIQSHLFDAIQPSRYVVGLGYDQPEGKWGVNGMLT
YSKAKEITELLGSRALLNGNSRNTKATARRTRPWYIVDVSGYYTVKKHFTLRAGVYNLLNYRYVTWENVRQTAGGAVNQH
KNVGVYNRYAAPGRNYTFSLEMKF
;
A
2 'polypeptide(L)'
;DECKPVKWCALSHHERLKCDEWSVNSVGKIECVSAETTEDCIAKIMNGEADAMSLDGGFVYIAGKCGLVPVLAENYNKSD
NCEDTPEAGYFAVAVVKKSASDLTWDNLKGKKSCHTAVGRTAGWNIPMGLLYNKINHCRFDEFFSEGCAPGSKKDSSLCK
LCMGSGLNLCEPNNKEGYYGYTGAFRCLVEKGDVAFVKHQTVPQNTGGKNPDPWAKNLNEKDYELLCLDGTRKPVEEYAN
CHLARAPNHAVVTRKDKEACVHKILRQQQHLFGSNVTDCSGNFCLFRSETKDLLFRDDTVCLAKLHDRNTYEKYLGEEYV
KAVGNLRKCSTSSLLEACTFRRP
;
B
#
# COMPACT_ATOMS: atom_id res chain seq x y z
N ARG A 40 -7.85 -16.76 38.13
CA ARG A 40 -7.16 -17.85 37.44
C ARG A 40 -8.15 -18.77 36.74
N ASP A 41 -7.64 -19.85 36.16
CA ASP A 41 -8.48 -20.81 35.47
C ASP A 41 -9.79 -21.04 36.22
N ASN A 42 -10.74 -21.71 35.58
CA ASN A 42 -10.54 -22.20 34.21
C ASN A 42 -11.83 -22.77 33.62
N GLU A 43 -12.32 -22.14 32.55
CA GLU A 43 -13.54 -22.59 31.91
C GLU A 43 -13.24 -23.58 30.79
N VAL A 44 -12.99 -24.83 31.17
CA VAL A 44 -12.69 -25.87 30.20
C VAL A 44 -11.37 -26.56 30.54
N THR A 45 -11.44 -27.84 30.86
CA THR A 45 -10.26 -28.62 31.21
C THR A 45 -9.15 -28.44 30.18
N GLY A 46 -8.12 -29.26 30.27
CA GLY A 46 -7.00 -29.19 29.35
C GLY A 46 -6.05 -28.05 29.68
N LEU A 47 -5.80 -27.20 28.68
CA LEU A 47 -4.91 -26.05 28.86
C LEU A 47 -4.71 -25.30 27.55
N GLY A 48 -3.45 -25.18 27.13
CA GLY A 48 -3.12 -24.49 25.91
C GLY A 48 -3.66 -23.07 25.89
N LYS A 49 -3.45 -22.35 27.00
CA LYS A 49 -3.93 -20.98 27.11
C LYS A 49 -3.35 -20.33 28.36
N LEU A 50 -3.53 -19.02 28.50
CA LEU A 50 -3.02 -18.28 29.64
C LEU A 50 -4.05 -17.33 30.20
N VAL A 51 -3.86 -16.92 31.46
CA VAL A 51 -4.78 -16.02 32.12
C VAL A 51 -4.00 -14.81 32.62
N LYS A 52 -4.63 -13.64 32.57
CA LYS A 52 -4.03 -12.45 33.15
C LYS A 52 -5.10 -11.67 33.92
N SER A 53 -4.71 -11.07 35.05
CA SER A 53 -5.66 -10.32 35.86
C SER A 53 -5.21 -8.87 36.02
N SER A 54 -6.16 -8.00 36.37
CA SER A 54 -5.85 -6.58 36.51
C SER A 54 -4.62 -6.43 37.38
N ASP A 55 -4.65 -7.11 38.51
CA ASP A 55 -3.52 -7.11 39.43
C ASP A 55 -2.29 -7.71 38.75
N THR A 56 -2.49 -8.77 37.98
CA THR A 56 -1.40 -9.38 37.23
C THR A 56 -0.76 -8.32 36.33
N LEU A 57 -1.58 -7.73 35.45
CA LEU A 57 -1.11 -6.69 34.54
C LEU A 57 -0.32 -5.63 35.29
N SER A 58 -0.89 -5.12 36.38
CA SER A 58 -0.26 -4.05 37.14
C SER A 58 1.10 -4.45 37.68
N LYS A 59 1.16 -5.61 38.32
CA LYS A 59 2.42 -6.12 38.83
C LYS A 59 3.42 -6.13 37.68
N GLU A 60 2.95 -6.50 36.49
CA GLU A 60 3.81 -6.65 35.33
C GLU A 60 4.13 -5.32 34.65
N GLN A 61 3.38 -4.28 35.00
CA GLN A 61 3.59 -2.97 34.42
C GLN A 61 3.36 -2.95 32.92
N VAL A 62 2.25 -3.51 32.46
CA VAL A 62 1.98 -3.50 31.03
C VAL A 62 1.14 -2.29 30.62
N LEU A 63 1.77 -1.36 29.90
CA LEU A 63 1.07 -0.19 29.38
C LEU A 63 0.70 -0.29 27.91
N ASN A 64 1.21 -1.30 27.22
CA ASN A 64 1.06 -1.39 25.78
C ASN A 64 0.77 -2.80 25.31
N ILE A 65 0.13 -2.89 24.14
CA ILE A 65 -0.23 -4.19 23.59
C ILE A 65 0.99 -5.10 23.43
N ARG A 66 2.13 -4.50 23.09
CA ARG A 66 3.38 -5.25 22.95
C ARG A 66 3.77 -5.87 24.29
N ASP A 67 3.53 -5.14 25.37
CA ASP A 67 3.93 -5.57 26.71
C ASP A 67 3.30 -6.89 27.12
N LEU A 68 1.96 -6.95 27.04
CA LEU A 68 1.19 -8.03 27.63
C LEU A 68 1.75 -9.42 27.34
N THR A 69 2.02 -9.68 26.06
CA THR A 69 2.45 -11.00 25.61
C THR A 69 3.97 -11.14 25.47
N ARG A 70 4.70 -10.13 25.91
CA ARG A 70 6.15 -10.10 25.80
C ARG A 70 6.81 -11.31 26.46
N TYR A 71 6.17 -11.83 27.50
CA TYR A 71 6.72 -12.98 28.23
C TYR A 71 6.10 -14.33 27.86
N ASP A 72 5.14 -14.33 26.95
CA ASP A 72 4.41 -15.56 26.63
C ASP A 72 4.71 -15.95 25.19
N PRO A 73 5.86 -16.61 24.97
CA PRO A 73 6.41 -16.87 23.65
C PRO A 73 5.43 -17.63 22.77
N GLY A 74 5.45 -17.33 21.48
CA GLY A 74 4.54 -17.95 20.53
C GLY A 74 3.31 -17.11 20.29
N ILE A 75 3.14 -16.05 21.07
CA ILE A 75 2.09 -15.06 20.78
C ILE A 75 2.74 -13.76 20.31
N ALA A 76 2.26 -13.22 19.20
CA ALA A 76 2.84 -12.01 18.61
C ALA A 76 1.81 -10.92 18.30
N VAL A 77 2.27 -9.68 18.26
CA VAL A 77 1.40 -8.51 18.06
C VAL A 77 1.02 -8.11 16.62
N VAL A 78 1.89 -8.36 15.64
CA VAL A 78 1.57 -7.94 14.26
C VAL A 78 1.38 -6.43 13.99
N GLU A 79 2.49 -5.71 13.87
CA GLU A 79 2.51 -4.28 13.52
C GLU A 79 1.67 -3.93 12.29
N GLN A 80 0.99 -2.78 12.32
CA GLN A 80 0.19 -2.32 11.18
C GLN A 80 0.93 -1.33 10.28
N GLY A 81 2.15 -0.96 10.67
CA GLY A 81 3.03 -0.17 9.82
C GLY A 81 2.94 1.33 10.00
N ARG A 82 1.77 1.79 10.43
CA ARG A 82 1.63 3.17 10.86
C ARG A 82 1.74 3.27 12.38
N GLY A 83 2.10 2.15 13.01
CA GLY A 83 2.44 2.13 14.41
C GLY A 83 1.38 1.62 15.37
N ALA A 84 0.37 0.94 14.85
CA ALA A 84 -0.71 0.50 15.71
C ALA A 84 -1.12 -0.96 15.53
N SER A 85 -0.86 -1.80 16.53
CA SER A 85 -1.66 -3.01 16.70
C SER A 85 -1.97 -3.75 15.39
N SER A 86 -3.26 -3.86 15.09
CA SER A 86 -3.76 -4.69 13.99
C SER A 86 -3.66 -6.21 14.27
N GLY A 87 -3.95 -6.60 15.51
CA GLY A 87 -4.23 -8.00 15.82
C GLY A 87 -3.15 -8.81 16.50
N TYR A 88 -3.38 -10.12 16.61
CA TYR A 88 -2.43 -11.04 17.20
C TYR A 88 -2.01 -12.13 16.21
N SER A 89 -0.78 -12.62 16.34
CA SER A 89 -0.33 -13.75 15.54
C SER A 89 -0.07 -14.97 16.41
N ILE A 90 -0.79 -16.05 16.15
CA ILE A 90 -0.70 -17.26 16.98
C ILE A 90 -0.88 -18.51 16.15
N ARG A 91 -0.19 -19.59 16.56
CA ARG A 91 -0.35 -20.88 15.90
C ARG A 91 -0.09 -20.81 14.41
N GLY A 92 0.81 -19.92 14.01
CA GLY A 92 1.20 -19.78 12.61
C GLY A 92 0.25 -18.93 11.79
N MET A 93 -0.69 -18.26 12.44
CA MET A 93 -1.59 -17.36 11.74
C MET A 93 -1.78 -16.07 12.53
N ASP A 94 -2.54 -15.15 11.96
CA ASP A 94 -2.68 -13.80 12.51
C ASP A 94 -3.95 -13.15 12.01
N LYS A 95 -4.01 -11.82 12.14
CA LYS A 95 -5.14 -11.03 11.63
C LYS A 95 -6.49 -11.62 12.03
N ASN A 96 -7.43 -11.58 11.09
CA ASN A 96 -8.78 -12.05 11.34
C ASN A 96 -8.83 -13.56 11.58
N ARG A 97 -7.67 -14.22 11.46
CA ARG A 97 -7.55 -15.65 11.75
C ARG A 97 -7.55 -15.95 13.25
N VAL A 98 -7.38 -14.93 14.09
CA VAL A 98 -7.50 -15.10 15.54
C VAL A 98 -8.47 -14.09 16.14
N SER A 99 -9.41 -14.59 16.92
CA SER A 99 -10.49 -13.77 17.46
C SER A 99 -10.03 -12.76 18.49
N LEU A 100 -10.79 -11.68 18.61
CA LEU A 100 -10.62 -10.71 19.68
C LEU A 100 -12.01 -10.36 20.21
N THR A 101 -12.26 -10.66 21.48
CA THR A 101 -13.58 -10.44 22.05
C THR A 101 -13.52 -9.63 23.34
N VAL A 102 -14.56 -8.85 23.59
CA VAL A 102 -14.72 -8.12 24.84
C VAL A 102 -16.14 -8.25 25.35
N ASP A 103 -16.31 -8.84 26.54
CA ASP A 103 -17.63 -9.09 27.12
C ASP A 103 -18.59 -9.68 26.10
N GLY A 104 -18.08 -10.60 25.28
CA GLY A 104 -18.91 -11.28 24.30
C GLY A 104 -19.01 -10.55 22.97
N VAL A 105 -18.65 -9.27 22.97
CA VAL A 105 -18.68 -8.48 21.74
C VAL A 105 -17.37 -8.61 20.98
N SER A 106 -17.45 -9.06 19.74
CA SER A 106 -16.26 -9.19 18.91
C SER A 106 -15.80 -7.82 18.44
N GLN A 107 -14.50 -7.70 18.15
CA GLN A 107 -13.90 -6.41 17.82
C GLN A 107 -13.60 -6.31 16.32
N ILE A 108 -13.61 -5.08 15.81
CA ILE A 108 -13.57 -4.83 14.37
C ILE A 108 -12.47 -5.62 13.67
N GLN A 109 -12.78 -6.15 12.50
CA GLN A 109 -11.80 -6.97 11.78
C GLN A 109 -10.77 -6.09 11.07
N SER A 110 -9.80 -6.74 10.45
CA SER A 110 -8.77 -6.02 9.72
C SER A 110 -9.19 -5.93 8.27
N TYR A 111 -9.49 -4.72 7.83
CA TYR A 111 -10.03 -4.50 6.49
C TYR A 111 -9.05 -3.68 5.66
N THR A 112 -8.44 -4.30 4.66
CA THR A 112 -7.52 -3.62 3.75
C THR A 112 -8.12 -3.49 2.35
N ALA A 113 -8.47 -2.26 1.97
CA ALA A 113 -9.04 -1.98 0.66
C ALA A 113 -7.97 -2.17 -0.41
N GLN A 114 -8.41 -2.38 -1.64
CA GLN A 114 -7.48 -2.63 -2.75
C GLN A 114 -6.64 -1.40 -3.12
N ALA A 115 -5.46 -1.66 -3.67
CA ALA A 115 -4.50 -0.60 -3.98
C ALA A 115 -4.95 0.28 -5.14
N ALA A 116 -4.74 1.59 -4.99
CA ALA A 116 -5.05 2.55 -6.05
C ALA A 116 -4.03 2.41 -7.18
N LEU A 117 -4.39 2.87 -8.37
CA LEU A 117 -3.45 2.80 -9.49
C LEU A 117 -3.05 4.20 -9.96
N GLY A 118 -2.10 4.25 -10.90
CA GLY A 118 -1.57 5.52 -11.37
C GLY A 118 -0.78 6.21 -10.26
N GLY A 119 -0.11 7.32 -10.59
CA GLY A 119 0.48 8.16 -9.56
C GLY A 119 1.31 7.30 -8.63
N THR A 120 0.94 7.32 -7.35
CA THR A 120 0.17 8.41 -6.74
C THR A 120 0.54 8.66 -5.28
N ARG A 121 0.48 7.58 -4.48
CA ARG A 121 0.49 7.64 -3.01
C ARG A 121 -0.77 8.14 -2.29
N THR A 122 -1.70 7.21 -2.11
CA THR A 122 -3.01 7.42 -1.50
C THR A 122 -3.07 6.88 -0.07
N ALA A 123 -3.99 7.44 0.72
CA ALA A 123 -4.21 7.01 2.10
C ALA A 123 -4.30 5.51 2.31
N GLY A 124 -5.39 4.91 1.82
CA GLY A 124 -5.65 3.50 2.02
C GLY A 124 -6.60 3.24 3.19
N SER A 125 -6.71 1.97 3.58
CA SER A 125 -7.53 1.59 4.72
C SER A 125 -6.67 1.31 5.95
N SER A 126 -7.15 1.74 7.12
CA SER A 126 -6.38 1.58 8.35
C SER A 126 -5.88 0.15 8.53
N GLY A 127 -6.79 -0.81 8.38
CA GLY A 127 -6.47 -2.22 8.50
C GLY A 127 -6.20 -2.59 9.93
N ALA A 128 -6.09 -1.58 10.77
CA ALA A 128 -5.80 -1.79 12.18
C ALA A 128 -7.00 -2.46 12.85
N ILE A 129 -6.73 -3.11 13.97
CA ILE A 129 -7.78 -3.69 14.78
C ILE A 129 -7.82 -2.94 16.10
N ASN A 130 -9.03 -2.70 16.60
CA ASN A 130 -9.22 -1.86 17.77
C ASN A 130 -8.31 -2.22 18.94
N GLU A 131 -7.79 -1.20 19.62
CA GLU A 131 -7.04 -1.41 20.85
C GLU A 131 -7.95 -1.28 22.08
N ILE A 132 -7.66 -2.07 23.10
CA ILE A 132 -8.46 -2.13 24.30
C ILE A 132 -7.75 -1.37 25.41
N GLU A 133 -8.51 -0.68 26.25
CA GLU A 133 -7.92 0.01 27.39
C GLU A 133 -7.80 -0.97 28.54
N TYR A 134 -6.57 -1.27 28.95
CA TYR A 134 -6.34 -2.31 29.95
C TYR A 134 -6.81 -1.85 31.32
N GLU A 135 -6.89 -0.53 31.50
CA GLU A 135 -7.36 0.02 32.75
C GLU A 135 -8.88 -0.17 32.87
N ASN A 136 -9.49 -0.65 31.80
CA ASN A 136 -10.92 -0.94 31.79
C ASN A 136 -11.26 -2.43 31.99
N VAL A 137 -10.24 -3.27 32.09
CA VAL A 137 -10.46 -4.72 32.11
C VAL A 137 -10.04 -5.41 33.42
N LYS A 138 -10.67 -6.55 33.73
CA LYS A 138 -10.36 -7.30 34.95
C LYS A 138 -9.37 -8.44 34.74
N ALA A 139 -9.80 -9.52 34.07
CA ALA A 139 -8.89 -10.59 33.70
C ALA A 139 -9.09 -11.13 32.27
N VAL A 140 -8.08 -10.97 31.42
CA VAL A 140 -8.10 -11.47 30.05
C VAL A 140 -7.73 -12.96 29.94
N GLU A 141 -8.38 -13.65 29.01
CA GLU A 141 -8.07 -15.06 28.74
C GLU A 141 -7.59 -15.24 27.31
N ILE A 142 -6.40 -15.81 27.16
CA ILE A 142 -5.84 -16.12 25.84
C ILE A 142 -5.75 -17.62 25.63
N SER A 143 -6.01 -18.06 24.40
CA SER A 143 -6.01 -19.49 24.10
C SER A 143 -5.39 -19.82 22.75
N LYS A 144 -4.52 -20.82 22.73
CA LYS A 144 -3.82 -21.24 21.52
C LYS A 144 -4.52 -22.41 20.82
N GLY A 145 -4.66 -22.33 19.50
CA GLY A 145 -5.36 -23.35 18.74
C GLY A 145 -6.82 -22.94 18.52
N SER A 146 -7.53 -23.67 17.67
CA SER A 146 -8.89 -23.25 17.32
C SER A 146 -9.78 -23.20 18.55
N ASN A 147 -10.31 -22.00 18.82
CA ASN A 147 -11.26 -21.79 19.90
C ASN A 147 -12.74 -21.62 19.53
N SER A 148 -13.08 -21.81 18.26
CA SER A 148 -14.40 -21.41 17.77
C SER A 148 -15.54 -21.85 18.70
N VAL A 149 -15.34 -22.96 19.41
CA VAL A 149 -16.39 -23.49 20.30
C VAL A 149 -16.84 -22.48 21.35
N GLU A 150 -15.93 -22.02 22.21
CA GLU A 150 -16.26 -20.79 22.92
C GLU A 150 -15.37 -19.68 22.41
N GLN A 151 -15.66 -19.18 21.23
CA GLN A 151 -15.39 -17.81 20.82
C GLN A 151 -16.38 -17.40 19.73
N GLY A 152 -16.47 -18.28 18.73
CA GLY A 152 -17.16 -17.98 17.49
C GLY A 152 -16.19 -17.90 16.33
N SER A 153 -16.68 -17.36 15.21
CA SER A 153 -15.87 -17.16 14.00
C SER A 153 -14.58 -16.38 14.28
N GLY A 154 -13.52 -16.71 13.53
CA GLY A 154 -12.25 -16.01 13.64
C GLY A 154 -11.30 -16.68 14.62
N ALA A 155 -11.77 -17.75 15.25
CA ALA A 155 -11.04 -18.41 16.33
C ALA A 155 -10.09 -19.47 15.76
N LEU A 156 -9.93 -19.42 14.44
CA LEU A 156 -9.16 -20.40 13.68
C LEU A 156 -7.79 -20.72 14.30
N ALA A 157 -6.97 -19.70 14.51
CA ALA A 157 -5.64 -19.93 15.08
C ALA A 157 -5.57 -19.80 16.61
N GLY A 158 -6.63 -19.25 17.20
CA GLY A 158 -6.64 -19.02 18.63
C GLY A 158 -7.63 -17.94 19.02
N SER A 159 -7.66 -17.60 20.29
CA SER A 159 -8.61 -16.59 20.76
C SER A 159 -8.10 -15.68 21.88
N VAL A 160 -8.63 -14.46 21.88
CA VAL A 160 -8.33 -13.51 22.94
C VAL A 160 -9.60 -12.86 23.46
N ALA A 161 -9.85 -13.05 24.75
CA ALA A 161 -11.10 -12.57 25.35
C ALA A 161 -10.86 -11.64 26.53
N PHE A 162 -11.64 -10.57 26.59
CA PHE A 162 -11.51 -9.59 27.67
C PHE A 162 -12.72 -9.53 28.58
N GLN A 163 -12.59 -8.72 29.62
CA GLN A 163 -13.62 -8.57 30.63
C GLN A 163 -13.66 -7.11 31.08
N THR A 164 -14.81 -6.47 30.96
CA THR A 164 -14.91 -5.12 31.49
C THR A 164 -14.82 -5.20 33.00
N LYS A 165 -14.05 -4.28 33.59
CA LYS A 165 -13.89 -4.26 35.04
C LYS A 165 -15.24 -4.16 35.72
N THR A 166 -15.36 -4.81 36.87
CA THR A 166 -16.60 -4.82 37.63
C THR A 166 -16.55 -3.80 38.77
N ALA A 167 -17.68 -3.16 39.02
CA ALA A 167 -17.77 -2.20 40.11
C ALA A 167 -17.33 -2.84 41.42
N ASP A 168 -17.47 -4.16 41.50
CA ASP A 168 -17.19 -4.90 42.73
C ASP A 168 -15.72 -4.72 43.12
N ASP A 169 -15.00 -3.97 42.30
CA ASP A 169 -13.60 -3.65 42.57
C ASP A 169 -13.47 -2.54 43.62
N VAL A 170 -14.60 -2.14 44.20
CA VAL A 170 -14.60 -1.25 45.35
C VAL A 170 -14.09 -1.94 46.63
N ILE A 171 -13.82 -3.23 46.52
CA ILE A 171 -13.56 -4.10 47.67
C ILE A 171 -12.57 -3.45 48.63
N GLY A 172 -12.81 -3.61 49.94
CA GLY A 172 -13.83 -4.52 50.44
C GLY A 172 -13.16 -5.81 50.85
N GLU A 173 -13.82 -6.65 51.65
CA GLU A 173 -15.18 -6.40 52.14
C GLU A 173 -15.04 -5.29 53.17
N GLY A 174 -16.08 -5.02 53.96
CA GLY A 174 -15.99 -3.77 54.68
C GLY A 174 -16.24 -2.69 53.65
N ARG A 175 -15.17 -2.04 53.19
CA ARG A 175 -15.27 -0.74 52.54
C ARG A 175 -16.48 -0.62 51.64
N GLN A 176 -17.12 0.53 51.79
CA GLN A 176 -18.38 0.86 51.15
C GLN A 176 -18.13 1.59 49.83
N TRP A 177 -16.86 1.78 49.51
CA TRP A 177 -16.45 2.47 48.30
C TRP A 177 -14.94 2.44 48.17
N GLY A 178 -14.45 2.78 46.97
CA GLY A 178 -13.02 2.75 46.73
C GLY A 178 -12.59 3.71 45.64
N ILE A 179 -11.32 4.10 45.69
CA ILE A 179 -10.74 4.99 44.68
C ILE A 179 -9.32 4.55 44.34
N GLN A 180 -8.98 4.53 43.06
CA GLN A 180 -7.65 4.10 42.61
C GLN A 180 -7.03 5.05 41.59
N SER A 181 -5.71 5.19 41.64
CA SER A 181 -4.98 6.04 40.73
C SER A 181 -3.69 5.39 40.26
N LYS A 182 -3.43 5.54 38.97
CA LYS A 182 -2.26 4.96 38.33
C LYS A 182 -1.57 6.03 37.50
N THR A 183 -0.28 6.25 37.76
CA THR A 183 0.52 7.12 36.92
C THR A 183 1.79 6.41 36.49
N ALA A 184 1.93 6.12 35.20
CA ALA A 184 3.14 5.46 34.74
C ALA A 184 3.85 6.22 33.63
N TYR A 185 5.16 5.95 33.49
CA TYR A 185 5.96 6.56 32.45
C TYR A 185 6.90 5.55 31.79
N SER A 186 6.76 5.43 30.49
CA SER A 186 7.57 4.55 29.68
C SER A 186 8.64 5.39 28.98
N GLY A 187 9.88 4.97 29.07
CA GLY A 187 10.97 5.69 28.42
C GLY A 187 11.10 5.35 26.94
N LYS A 188 10.82 4.10 26.59
CA LYS A 188 10.98 3.63 25.21
C LYS A 188 10.17 4.50 24.24
N ASN A 189 8.88 4.67 24.55
CA ASN A 189 8.01 5.52 23.76
C ASN A 189 7.87 6.92 24.34
N ARG A 190 8.66 7.22 25.37
CA ARG A 190 8.59 8.53 26.04
C ARG A 190 7.15 8.85 26.37
N GLY A 191 6.39 7.82 26.69
CA GLY A 191 4.98 7.99 26.97
C GLY A 191 4.70 8.15 28.45
N LEU A 192 3.57 8.77 28.75
CA LEU A 192 3.09 8.88 30.12
C LEU A 192 1.59 8.60 30.15
N THR A 193 1.18 7.71 31.04
CA THR A 193 -0.22 7.33 31.15
C THR A 193 -0.80 7.60 32.54
N GLN A 194 -2.02 8.11 32.58
CA GLN A 194 -2.70 8.40 33.82
C GLN A 194 -4.13 7.85 33.82
N SER A 195 -4.44 7.01 34.79
CA SER A 195 -5.77 6.44 34.90
C SER A 195 -6.28 6.58 36.31
N ILE A 196 -7.58 6.79 36.47
CA ILE A 196 -8.21 6.74 37.78
C ILE A 196 -9.59 6.10 37.75
N ALA A 197 -9.92 5.37 38.82
CA ALA A 197 -11.17 4.66 38.90
C ALA A 197 -11.80 4.92 40.25
N LEU A 198 -12.98 5.52 40.25
CA LEU A 198 -13.69 5.74 41.50
C LEU A 198 -15.03 5.04 41.50
N ALA A 199 -15.36 4.40 42.62
CA ALA A 199 -16.55 3.56 42.67
C ALA A 199 -17.17 3.54 44.06
N GLY A 200 -18.49 3.41 44.10
CA GLY A 200 -19.18 3.28 45.37
C GLY A 200 -20.48 2.53 45.24
N ARG A 201 -20.92 1.92 46.32
CA ARG A 201 -22.10 1.08 46.28
C ARG A 201 -23.00 1.41 47.45
N ILE A 202 -24.17 2.00 47.17
CA ILE A 202 -25.09 2.38 48.24
C ILE A 202 -26.32 1.47 48.21
N GLY A 203 -26.51 0.72 49.29
CA GLY A 203 -27.57 -0.26 49.34
C GLY A 203 -27.45 -1.22 48.18
N GLY A 204 -28.52 -1.32 47.39
CA GLY A 204 -28.51 -2.13 46.18
C GLY A 204 -27.79 -1.43 45.04
N ALA A 205 -28.02 -0.13 44.91
CA ALA A 205 -27.43 0.62 43.80
C ALA A 205 -25.91 0.65 43.90
N GLU A 206 -25.26 0.82 42.75
CA GLU A 206 -23.81 0.91 42.69
C GLU A 206 -23.35 1.67 41.44
N ALA A 207 -22.17 2.28 41.52
CA ALA A 207 -21.61 3.01 40.40
C ALA A 207 -20.09 2.95 40.31
N LEU A 208 -19.60 2.81 39.08
CA LEU A 208 -18.17 2.65 38.79
C LEU A 208 -17.75 3.55 37.63
N LEU A 209 -16.78 4.42 37.86
CA LEU A 209 -16.29 5.32 36.81
C LEU A 209 -14.78 5.24 36.62
N ILE A 210 -14.35 4.90 35.40
CA ILE A 210 -12.92 4.87 35.10
C ILE A 210 -12.57 5.81 33.96
N HIS A 211 -11.57 6.66 34.19
CA HIS A 211 -11.03 7.50 33.12
C HIS A 211 -9.54 7.19 32.92
N THR A 212 -9.15 6.97 31.67
CA THR A 212 -7.75 6.68 31.38
C THR A 212 -7.32 7.60 30.25
N GLY A 213 -6.07 8.06 30.29
CA GLY A 213 -5.56 8.87 29.19
C GLY A 213 -4.05 8.76 29.02
N ARG A 214 -3.60 8.94 27.79
CA ARG A 214 -2.21 8.68 27.48
C ARG A 214 -1.71 9.55 26.34
N ARG A 215 -0.48 10.03 26.46
CA ARG A 215 0.21 10.71 25.38
C ARG A 215 1.59 10.09 25.28
N ALA A 216 2.01 9.75 24.06
CA ALA A 216 3.33 9.18 23.83
C ALA A 216 3.68 9.28 22.36
N GLY A 217 4.75 8.61 21.95
CA GLY A 217 4.90 8.27 20.56
C GLY A 217 6.20 7.58 20.14
N GLU A 218 6.11 6.88 19.01
CA GLU A 218 7.27 6.65 18.17
C GLU A 218 8.27 5.58 18.66
N ILE A 219 8.17 5.18 19.92
CA ILE A 219 8.96 4.04 20.42
C ILE A 219 10.45 4.05 20.03
N ARG A 220 11.22 4.88 20.70
CA ARG A 220 12.66 5.05 20.40
C ARG A 220 13.40 3.72 20.32
N ALA A 221 14.40 3.66 19.43
CA ALA A 221 15.20 2.45 19.25
C ALA A 221 16.51 2.52 20.02
N HIS A 222 17.29 1.44 19.93
CA HIS A 222 18.63 1.42 20.49
C HIS A 222 19.41 2.59 19.93
N GLU A 223 20.07 3.34 20.82
CA GLU A 223 20.74 4.57 20.43
C GLU A 223 21.60 4.37 19.19
N ASP A 224 22.30 3.24 19.14
CA ASP A 224 23.24 2.96 18.06
C ASP A 224 22.58 2.67 16.71
N ALA A 225 21.24 2.59 16.70
CA ALA A 225 20.50 2.33 15.48
C ALA A 225 20.96 3.24 14.33
N GLY A 226 21.03 4.54 14.58
CA GLY A 226 21.75 5.44 13.68
C GLY A 226 22.03 6.83 14.24
N ARG A 227 23.11 7.46 13.80
CA ARG A 227 23.45 8.79 14.29
C ARG A 227 23.92 9.81 13.24
N GLY A 228 23.12 10.88 13.03
CA GLY A 228 23.56 12.14 12.44
C GLY A 228 24.30 12.23 11.11
N VAL A 229 23.71 11.70 10.05
CA VAL A 229 24.44 11.51 8.81
C VAL A 229 23.69 11.50 7.48
N GLN A 230 24.31 10.73 6.60
CA GLN A 230 23.98 10.53 5.20
C GLN A 230 24.01 11.83 4.43
N SER A 231 23.31 11.87 3.30
CA SER A 231 23.50 13.00 2.40
C SER A 231 22.27 13.56 1.69
N PHE A 232 21.71 12.78 0.78
CA PHE A 232 20.56 13.29 0.04
C PHE A 232 20.84 14.57 -0.79
N ASN A 233 21.40 14.39 -1.98
CA ASN A 233 21.54 15.49 -2.94
C ASN A 233 20.23 16.25 -3.12
N ARG A 234 20.31 17.55 -3.30
CA ARG A 234 19.13 18.39 -3.47
C ARG A 234 19.28 19.48 -4.55
N LEU A 235 18.30 19.60 -5.44
CA LEU A 235 18.42 20.53 -6.56
C LEU A 235 18.46 21.98 -6.12
N VAL A 236 19.35 22.74 -6.74
CA VAL A 236 19.56 24.16 -6.42
C VAL A 236 19.92 24.96 -7.67
N PRO A 237 19.51 26.24 -7.70
CA PRO A 237 19.66 27.14 -8.86
C PRO A 237 21.10 27.55 -9.17
N VAL A 238 21.50 27.46 -10.43
CA VAL A 238 22.78 28.01 -10.86
C VAL A 238 22.62 28.65 -12.25
N GLU A 239 23.44 29.65 -12.56
CA GLU A 239 23.33 30.32 -13.85
C GLU A 239 23.56 29.32 -14.99
N ASP A 240 22.81 29.49 -16.09
CA ASP A 240 22.66 28.44 -17.12
C ASP A 240 23.91 28.12 -17.94
N SER A 241 24.67 29.16 -18.30
CA SER A 241 25.93 29.00 -19.05
C SER A 241 25.74 28.85 -20.56
N SER A 242 24.52 28.60 -21.00
CA SER A 242 24.22 28.66 -22.42
C SER A 242 24.32 30.11 -22.82
N ASN A 243 24.70 30.37 -24.07
CA ASN A 243 24.78 31.74 -24.56
C ASN A 243 23.42 32.31 -24.94
N TYR A 244 22.45 31.40 -25.12
CA TYR A 244 21.09 31.77 -25.50
C TYR A 244 20.17 31.89 -24.29
N ALA A 245 20.76 31.85 -23.10
CA ALA A 245 20.02 31.77 -21.85
C ALA A 245 19.57 33.10 -21.23
N TYR A 246 19.76 34.21 -21.93
CA TYR A 246 19.34 35.51 -21.42
C TYR A 246 17.83 35.77 -21.56
N PHE A 247 17.26 36.57 -20.67
CA PHE A 247 15.85 36.95 -20.78
C PHE A 247 15.50 38.25 -20.05
N ILE A 248 14.35 38.81 -20.40
CA ILE A 248 13.86 40.07 -19.80
C ILE A 248 12.40 39.91 -19.43
N VAL A 249 12.03 40.33 -18.23
CA VAL A 249 10.63 40.20 -17.79
C VAL A 249 9.88 41.53 -17.83
N LYS A 250 8.63 41.48 -18.31
CA LYS A 250 7.85 42.67 -18.62
C LYS A 250 7.72 43.62 -17.43
N GLU A 251 7.21 43.10 -16.33
CA GLU A 251 6.88 43.93 -15.16
C GLU A 251 8.12 44.63 -14.59
N GLU A 252 9.29 44.19 -15.03
CA GLU A 252 10.55 44.76 -14.56
C GLU A 252 11.12 45.84 -15.49
N CYS A 253 10.37 46.15 -16.55
CA CYS A 253 10.72 47.30 -17.40
C CYS A 253 9.75 48.43 -17.11
N LYS A 254 10.25 49.47 -16.46
CA LYS A 254 9.39 50.60 -16.08
C LYS A 254 8.99 51.37 -17.32
N ASN A 255 9.99 51.77 -18.11
CA ASN A 255 9.72 52.50 -19.33
C ASN A 255 9.43 51.57 -20.50
N GLY A 256 8.23 51.68 -21.04
CA GLY A 256 7.94 51.13 -22.34
C GLY A 256 8.33 49.69 -22.58
N SER A 257 9.10 49.50 -23.65
CA SER A 257 9.19 48.20 -24.31
C SER A 257 10.53 47.47 -24.29
N TYR A 258 10.52 46.38 -25.04
CA TYR A 258 11.62 45.46 -25.21
C TYR A 258 12.95 46.15 -25.52
N GLU A 259 12.95 47.11 -26.44
CA GLU A 259 14.20 47.70 -26.90
C GLU A 259 14.86 48.56 -25.82
N THR A 260 14.05 49.20 -24.99
CA THR A 260 14.58 49.98 -23.88
C THR A 260 15.13 49.07 -22.77
N CYS A 261 14.30 48.13 -22.34
CA CYS A 261 14.59 47.30 -21.16
C CYS A 261 15.66 46.23 -21.42
N LYS A 262 15.73 45.78 -22.66
CA LYS A 262 16.62 44.69 -23.03
C LYS A 262 18.06 44.94 -22.59
N ALA A 263 18.45 46.21 -22.53
CA ALA A 263 19.85 46.58 -22.37
C ALA A 263 20.53 45.79 -21.25
N ASN A 264 19.77 45.43 -20.23
CA ASN A 264 20.27 44.65 -19.11
C ASN A 264 19.42 43.41 -18.84
N PRO A 265 19.69 42.31 -19.56
CA PRO A 265 18.98 41.03 -19.43
C PRO A 265 19.43 40.17 -18.23
N LYS A 266 18.48 39.46 -17.62
CA LYS A 266 18.77 38.42 -16.62
C LYS A 266 19.16 37.12 -17.31
N LYS A 267 19.87 36.25 -16.61
CA LYS A 267 20.24 34.98 -17.20
C LYS A 267 19.46 33.81 -16.62
N ASP A 268 19.03 32.91 -17.49
CA ASP A 268 18.20 31.76 -17.09
C ASP A 268 18.92 30.98 -16.00
N VAL A 269 18.15 30.46 -15.05
CA VAL A 269 18.69 29.54 -14.05
C VAL A 269 18.46 28.10 -14.48
N VAL A 270 19.40 27.22 -14.12
CA VAL A 270 19.26 25.80 -14.37
C VAL A 270 19.46 25.01 -13.07
N GLY A 271 18.81 23.85 -13.00
CA GLY A 271 18.93 22.97 -11.84
C GLY A 271 20.26 22.25 -11.74
N LYS A 272 20.86 22.32 -10.56
CA LYS A 272 22.02 21.49 -10.23
C LYS A 272 21.88 21.01 -8.80
N ASP A 273 21.86 19.70 -8.56
CA ASP A 273 21.78 19.26 -7.18
C ASP A 273 23.12 19.45 -6.48
N GLU A 274 23.04 19.76 -5.19
CA GLU A 274 24.22 19.80 -4.35
C GLU A 274 24.05 18.82 -3.19
N ARG A 275 25.14 18.16 -2.83
CA ARG A 275 25.12 17.23 -1.72
C ARG A 275 24.96 18.00 -0.41
N GLN A 276 23.90 17.67 0.33
CA GLN A 276 23.68 18.26 1.65
C GLN A 276 23.74 17.17 2.73
N THR A 277 24.08 17.54 3.95
CA THR A 277 24.23 16.54 5.00
C THR A 277 23.38 16.85 6.22
N VAL A 278 22.39 16.00 6.48
CA VAL A 278 21.62 16.14 7.69
C VAL A 278 21.36 14.85 8.46
N SER A 279 21.99 14.78 9.62
CA SER A 279 21.22 14.64 10.84
C SER A 279 20.36 13.41 11.12
N THR A 280 20.23 12.47 10.18
CA THR A 280 19.29 11.37 10.41
C THR A 280 17.90 11.94 10.65
N ARG A 281 17.46 11.94 11.90
CA ARG A 281 16.05 12.14 12.23
C ARG A 281 15.43 13.20 11.35
N ASP A 282 16.25 14.10 10.81
CA ASP A 282 15.76 15.08 9.85
C ASP A 282 15.78 14.60 8.39
N TYR A 283 16.40 13.45 8.16
CA TYR A 283 16.56 12.93 6.79
C TYR A 283 15.26 12.34 6.31
N THR A 284 15.20 12.00 5.02
CA THR A 284 13.97 11.52 4.38
C THR A 284 14.26 10.38 3.40
N GLY A 285 13.52 9.28 3.57
CA GLY A 285 13.85 7.97 3.01
C GLY A 285 14.00 8.00 1.50
N PRO A 286 14.53 6.90 0.92
CA PRO A 286 14.87 5.64 1.57
C PRO A 286 16.15 5.82 2.35
N ASN A 287 16.77 4.72 2.79
CA ASN A 287 17.98 4.81 3.59
C ASN A 287 17.70 5.53 4.89
N ARG A 288 16.47 5.39 5.38
CA ARG A 288 16.09 6.04 6.61
C ARG A 288 16.39 5.14 7.79
N PHE A 289 17.24 5.61 8.70
CA PHE A 289 17.70 4.80 9.83
C PHE A 289 16.73 4.86 11.00
N LEU A 290 15.60 5.56 10.80
CA LEU A 290 14.61 5.77 11.86
C LEU A 290 13.18 5.35 11.48
N ALA A 291 12.32 5.25 12.50
CA ALA A 291 11.00 4.61 12.40
C ALA A 291 9.80 5.52 12.12
N ASP A 292 10.08 6.77 11.81
CA ASP A 292 9.08 7.82 11.54
C ASP A 292 8.53 8.34 12.85
N PRO A 293 8.24 9.65 12.91
CA PRO A 293 7.70 10.30 14.09
C PRO A 293 6.26 9.90 14.31
N LEU A 294 5.92 9.59 15.56
CA LEU A 294 4.58 9.19 15.90
C LEU A 294 4.08 9.95 17.12
N SER A 295 2.87 10.45 17.02
CA SER A 295 2.19 11.08 18.13
C SER A 295 0.97 10.23 18.47
N TYR A 296 1.03 9.58 19.63
CA TYR A 296 -0.05 8.73 20.12
C TYR A 296 -0.79 9.41 21.25
N GLU A 297 -2.12 9.33 21.23
CA GLU A 297 -2.93 9.91 22.31
C GLU A 297 -4.21 9.09 22.50
N SER A 298 -4.64 8.88 23.74
CA SER A 298 -5.85 8.08 23.96
C SER A 298 -6.66 8.46 25.20
N ARG A 299 -7.98 8.37 25.07
CA ARG A 299 -8.91 8.75 26.14
C ARG A 299 -10.02 7.72 26.27
N SER A 300 -10.17 7.16 27.46
CA SER A 300 -11.13 6.10 27.70
C SER A 300 -12.02 6.39 28.92
N TRP A 301 -13.32 6.16 28.74
CA TRP A 301 -14.32 6.39 29.76
C TRP A 301 -15.15 5.15 30.00
N LEU A 302 -15.38 4.83 31.27
CA LEU A 302 -16.16 3.67 31.64
C LEU A 302 -17.16 3.98 32.75
N PHE A 303 -18.43 3.78 32.46
CA PHE A 303 -19.50 4.06 33.40
C PHE A 303 -20.30 2.78 33.60
N ARG A 304 -20.35 2.27 34.83
CA ARG A 304 -21.00 1.00 35.06
C ARG A 304 -21.94 1.06 36.25
N PRO A 305 -23.16 1.56 36.04
CA PRO A 305 -24.18 1.53 37.08
C PRO A 305 -24.72 0.12 37.24
N GLY A 306 -25.11 -0.21 38.46
CA GLY A 306 -25.87 -1.41 38.69
C GLY A 306 -26.71 -1.24 39.92
N PHE A 307 -27.84 -1.94 39.95
CA PHE A 307 -28.79 -1.85 41.03
C PHE A 307 -29.04 -3.28 41.48
N ARG A 308 -28.95 -3.49 42.79
CA ARG A 308 -29.25 -4.79 43.37
C ARG A 308 -30.74 -4.86 43.68
N PHE A 309 -31.38 -5.95 43.25
CA PHE A 309 -32.83 -6.08 43.32
C PHE A 309 -33.30 -6.84 44.55
N GLU A 310 -34.00 -6.14 45.46
CA GLU A 310 -34.69 -6.79 46.57
C GLU A 310 -33.85 -7.84 47.29
N ASN A 311 -34.37 -9.07 47.34
CA ASN A 311 -33.62 -10.20 47.86
C ASN A 311 -32.28 -10.22 47.14
N LYS A 312 -31.18 -10.49 47.83
CA LYS A 312 -29.94 -10.30 47.11
C LYS A 312 -29.65 -11.59 46.39
N ARG A 313 -30.09 -11.59 45.13
CA ARG A 313 -29.74 -12.56 44.11
C ARG A 313 -29.58 -11.74 42.85
N HIS A 314 -30.72 -11.17 42.44
CA HIS A 314 -30.86 -10.40 41.20
C HIS A 314 -29.95 -9.18 41.12
N TYR A 315 -29.41 -8.95 39.93
CA TYR A 315 -28.62 -7.77 39.64
C TYR A 315 -29.04 -7.20 38.29
N ILE A 316 -29.37 -5.91 38.25
CA ILE A 316 -29.65 -5.26 36.98
C ILE A 316 -28.77 -4.03 36.81
N GLY A 317 -27.95 -4.03 35.76
CA GLY A 317 -26.96 -2.99 35.61
C GLY A 317 -26.78 -2.64 34.14
N GLY A 318 -25.98 -1.61 33.89
CA GLY A 318 -25.72 -1.17 32.53
C GLY A 318 -24.32 -0.64 32.38
N ILE A 319 -23.86 -0.50 31.14
CA ILE A 319 -22.51 -0.04 30.89
C ILE A 319 -22.42 0.95 29.74
N LEU A 320 -21.51 1.92 29.87
CA LEU A 320 -21.21 2.86 28.80
C LEU A 320 -19.71 3.01 28.69
N GLU A 321 -19.15 2.68 27.54
CA GLU A 321 -17.71 2.80 27.31
C GLU A 321 -17.42 3.66 26.09
N HIS A 322 -16.43 4.54 26.23
CA HIS A 322 -15.92 5.28 25.07
C HIS A 322 -14.40 5.33 25.07
N THR A 323 -13.77 4.70 24.10
CA THR A 323 -12.31 4.77 23.99
C THR A 323 -11.85 5.28 22.62
N GLN A 324 -11.15 6.40 22.63
CA GLN A 324 -10.65 6.98 21.39
C GLN A 324 -9.13 7.12 21.41
N GLN A 325 -8.49 6.46 20.47
CA GLN A 325 -7.05 6.52 20.36
C GLN A 325 -6.68 7.11 19.01
N THR A 326 -5.64 7.93 18.98
CA THR A 326 -5.17 8.55 17.76
C THR A 326 -3.68 8.31 17.58
N PHE A 327 -3.35 7.95 16.35
CA PHE A 327 -1.99 7.78 15.89
C PHE A 327 -1.74 8.74 14.73
N ASP A 328 -0.89 9.75 14.94
CA ASP A 328 -0.55 10.65 13.85
C ASP A 328 0.92 10.46 13.53
N THR A 329 1.23 10.26 12.25
CA THR A 329 2.61 10.03 11.87
C THR A 329 2.94 10.80 10.61
N ARG A 330 4.23 10.91 10.32
CA ARG A 330 4.67 11.43 9.05
C ARG A 330 5.58 10.42 8.40
N ASP A 331 5.24 9.97 7.21
CA ASP A 331 6.12 9.05 6.51
C ASP A 331 7.36 9.85 6.14
N MET A 332 8.52 9.42 6.65
CA MET A 332 9.77 10.10 6.39
C MET A 332 10.50 9.41 5.26
N THR A 333 9.91 8.32 4.77
CA THR A 333 10.49 7.57 3.68
C THR A 333 10.40 8.39 2.40
N VAL A 334 9.51 9.38 2.39
CA VAL A 334 9.28 10.20 1.22
C VAL A 334 10.22 11.41 1.15
N PRO A 335 11.11 11.41 0.15
CA PRO A 335 12.12 12.45 -0.03
C PRO A 335 11.47 13.81 -0.09
N ALA A 336 11.94 14.73 0.74
CA ALA A 336 11.35 16.06 0.81
C ALA A 336 11.66 16.87 -0.44
N PHE A 337 12.85 16.67 -1.01
CA PHE A 337 13.34 17.51 -2.09
C PHE A 337 13.68 16.79 -3.39
N LEU A 338 13.69 17.56 -4.48
CA LEU A 338 14.22 17.17 -5.77
C LEU A 338 15.58 17.87 -5.78
N THR A 339 16.68 17.16 -6.08
CA THR A 339 16.81 15.98 -6.96
C THR A 339 16.60 16.13 -8.48
N LYS A 340 17.66 16.63 -9.12
CA LYS A 340 17.80 16.67 -10.57
C LYS A 340 17.42 15.36 -11.27
N ALA A 341 17.62 14.21 -10.62
CA ALA A 341 17.27 12.93 -11.24
C ALA A 341 15.79 12.89 -11.58
N VAL A 342 14.97 13.36 -10.63
CA VAL A 342 13.53 13.42 -10.81
C VAL A 342 13.17 14.35 -11.97
N PHE A 343 13.80 15.53 -11.97
CA PHE A 343 13.61 16.49 -13.04
C PHE A 343 13.94 15.86 -14.39
N ASP A 344 15.06 15.16 -14.48
CA ASP A 344 15.45 14.47 -15.71
C ASP A 344 14.39 13.46 -16.11
N ALA A 345 13.92 12.66 -15.16
CA ALA A 345 12.87 11.71 -15.46
C ALA A 345 11.72 12.43 -16.19
N ASN A 346 11.22 13.48 -15.56
CA ASN A 346 10.11 14.23 -16.13
C ASN A 346 10.47 14.86 -17.48
N LYS A 347 11.70 15.28 -17.69
CA LYS A 347 12.06 15.88 -18.97
C LYS A 347 11.97 14.82 -20.04
N LYS A 348 12.49 13.64 -19.73
CA LYS A 348 12.49 12.54 -20.69
C LYS A 348 11.08 12.09 -21.01
N GLN A 349 10.16 12.20 -20.05
CA GLN A 349 8.77 11.87 -20.36
C GLN A 349 7.97 13.00 -21.03
N ALA A 350 7.79 14.11 -20.33
CA ALA A 350 6.98 15.23 -20.81
C ALA A 350 7.77 16.33 -21.54
N GLY A 351 9.10 16.23 -21.58
CA GLY A 351 9.92 17.29 -22.15
C GLY A 351 10.03 18.54 -21.29
N SER A 352 10.70 19.56 -21.82
CA SER A 352 10.90 20.80 -21.10
C SER A 352 9.58 21.50 -20.79
N LEU A 353 9.60 22.40 -19.81
CA LEU A 353 8.39 23.12 -19.43
C LEU A 353 8.51 24.61 -19.73
N PRO A 354 7.38 25.25 -20.08
CA PRO A 354 7.40 26.69 -20.37
C PRO A 354 7.86 27.51 -19.17
N GLY A 355 8.86 28.36 -19.40
CA GLY A 355 9.36 29.23 -18.36
C GLY A 355 10.39 28.62 -17.41
N ASN A 356 10.66 27.34 -17.57
CA ASN A 356 11.69 26.72 -16.76
C ASN A 356 12.97 27.55 -16.85
N GLY A 357 13.52 27.89 -15.68
CA GLY A 357 14.74 28.68 -15.63
C GLY A 357 14.50 30.18 -15.55
N LYS A 358 13.27 30.59 -15.85
CA LYS A 358 12.91 32.00 -15.80
C LYS A 358 12.41 32.34 -14.41
N TYR A 359 12.79 33.53 -13.92
CA TYR A 359 12.45 33.94 -12.57
C TYR A 359 12.18 35.43 -12.47
N ALA A 360 11.20 35.80 -11.66
CA ALA A 360 10.92 37.21 -11.39
C ALA A 360 11.96 37.77 -10.43
N GLY A 361 12.40 38.99 -10.70
CA GLY A 361 13.42 39.64 -9.89
C GLY A 361 14.63 38.74 -9.70
N ASN A 362 15.10 38.63 -8.47
CA ASN A 362 16.25 37.82 -8.16
C ASN A 362 15.90 36.41 -7.69
N HIS A 363 14.61 36.04 -7.72
CA HIS A 363 14.19 34.83 -7.02
C HIS A 363 14.38 33.63 -7.93
N LYS A 364 15.46 32.91 -7.69
CA LYS A 364 15.98 31.93 -8.63
C LYS A 364 15.33 30.57 -8.51
N TYR A 365 14.99 30.16 -7.29
CA TYR A 365 14.20 28.95 -7.12
C TYR A 365 12.87 29.07 -7.86
N GLY A 366 12.52 30.30 -8.25
CA GLY A 366 11.35 30.51 -9.09
C GLY A 366 11.45 29.74 -10.39
N GLY A 367 12.68 29.57 -10.90
CA GLY A 367 12.92 28.92 -12.16
C GLY A 367 12.98 27.41 -12.08
N LEU A 368 13.10 26.89 -10.86
CA LEU A 368 13.20 25.45 -10.67
C LEU A 368 11.88 24.84 -10.23
N PHE A 369 11.24 24.13 -11.16
CA PHE A 369 9.98 23.46 -10.89
C PHE A 369 9.80 22.33 -11.91
N THR A 370 8.94 21.36 -11.59
CA THR A 370 8.83 20.17 -12.43
C THR A 370 7.44 19.56 -12.42
N ASN A 371 7.27 18.48 -13.17
CA ASN A 371 6.01 17.78 -13.25
C ASN A 371 5.67 17.03 -11.96
N GLY A 372 4.51 17.35 -11.41
CA GLY A 372 4.02 16.73 -10.19
C GLY A 372 3.13 15.55 -10.50
N GLU A 373 2.06 15.42 -9.72
CA GLU A 373 0.99 14.47 -10.03
C GLU A 373 -0.25 15.31 -10.23
N ASN A 374 -1.28 14.73 -10.84
CA ASN A 374 -2.53 15.45 -11.08
C ASN A 374 -2.29 16.77 -11.81
N GLY A 375 -1.41 16.75 -12.79
CA GLY A 375 -1.21 17.88 -13.66
C GLY A 375 -0.83 19.12 -12.90
N ALA A 376 0.25 19.02 -12.15
CA ALA A 376 0.71 20.15 -11.38
C ALA A 376 2.19 20.36 -11.61
N LEU A 377 2.66 21.59 -11.43
CA LEU A 377 4.09 21.84 -11.40
C LEU A 377 4.48 22.19 -9.99
N VAL A 378 5.46 21.46 -9.47
CA VAL A 378 5.95 21.66 -8.10
C VAL A 378 7.34 22.32 -8.09
N GLY A 379 7.47 23.36 -7.29
CA GLY A 379 8.70 24.13 -7.23
C GLY A 379 9.81 23.49 -6.41
N ALA A 380 11.05 23.67 -6.87
CA ALA A 380 12.21 23.14 -6.15
C ALA A 380 12.35 23.77 -4.76
N GLU A 381 11.96 25.03 -4.65
CA GLU A 381 12.09 25.75 -3.39
C GLU A 381 11.21 25.25 -2.24
N TYR A 382 10.20 24.44 -2.54
CA TYR A 382 9.43 23.82 -1.46
C TYR A 382 9.86 22.37 -1.30
N GLY A 383 9.25 21.70 -0.32
CA GLY A 383 9.59 20.32 -0.04
C GLY A 383 8.31 19.63 0.38
N THR A 384 8.28 18.32 0.22
CA THR A 384 7.04 17.59 0.33
C THR A 384 7.03 16.79 1.60
N GLY A 385 5.84 16.58 2.14
CA GLY A 385 5.71 15.65 3.24
C GLY A 385 4.38 14.95 3.20
N VAL A 386 4.38 13.75 3.77
CA VAL A 386 3.23 12.88 3.75
C VAL A 386 2.89 12.62 5.20
N PHE A 387 1.64 12.84 5.54
CA PHE A 387 1.18 12.69 6.92
C PHE A 387 -0.03 11.78 6.98
N TYR A 388 -0.04 10.88 7.96
CA TYR A 388 -1.21 10.06 8.23
C TYR A 388 -1.81 10.44 9.57
N ASP A 389 -3.08 10.85 9.57
CA ASP A 389 -3.76 11.05 10.83
C ASP A 389 -4.80 9.97 10.97
N GLU A 390 -4.50 9.01 11.84
CA GLU A 390 -5.31 7.83 11.98
C GLU A 390 -6.00 7.88 13.31
N THR A 391 -7.33 7.88 13.30
CA THR A 391 -8.08 7.96 14.55
C THR A 391 -9.11 6.85 14.70
N HIS A 392 -8.97 6.12 15.80
CA HIS A 392 -9.77 4.93 16.08
C HIS A 392 -10.70 5.21 17.24
N THR A 393 -12.00 5.11 16.97
CA THR A 393 -13.00 5.38 18.00
C THR A 393 -13.87 4.15 18.29
N LYS A 394 -14.01 3.83 19.57
CA LYS A 394 -14.91 2.75 20.00
C LYS A 394 -15.94 3.29 20.98
N SER A 395 -17.21 3.05 20.68
CA SER A 395 -18.30 3.51 21.54
C SER A 395 -19.31 2.39 21.77
N ARG A 396 -19.44 1.94 23.02
CA ARG A 396 -20.36 0.83 23.30
C ARG A 396 -21.21 1.03 24.56
N TYR A 397 -22.52 1.10 24.38
CA TYR A 397 -23.42 1.22 25.52
C TYR A 397 -24.43 0.07 25.52
N GLY A 398 -24.76 -0.43 26.71
CA GLY A 398 -25.68 -1.55 26.82
C GLY A 398 -26.25 -1.84 28.19
N LEU A 399 -27.17 -2.79 28.25
CA LEU A 399 -27.80 -3.21 29.49
C LEU A 399 -27.49 -4.67 29.74
N GLU A 400 -27.27 -5.01 31.01
CA GLU A 400 -27.10 -6.40 31.41
C GLU A 400 -27.95 -6.72 32.63
N TYR A 401 -28.47 -7.94 32.66
CA TYR A 401 -29.26 -8.43 33.80
C TYR A 401 -28.69 -9.77 34.25
N VAL A 402 -28.38 -9.89 35.54
CA VAL A 402 -27.85 -11.15 36.05
C VAL A 402 -28.61 -11.70 37.25
N TYR A 403 -29.07 -12.95 37.09
CA TYR A 403 -29.71 -13.71 38.16
C TYR A 403 -28.73 -14.75 38.70
N THR A 404 -28.54 -14.75 40.01
CA THR A 404 -27.63 -15.70 40.67
C THR A 404 -28.25 -16.34 41.91
N ASN A 405 -28.19 -17.67 41.98
CA ASN A 405 -28.79 -18.44 43.07
C ASN A 405 -27.79 -19.41 43.69
N ALA A 406 -27.84 -19.56 45.01
CA ALA A 406 -26.96 -20.51 45.69
C ALA A 406 -27.65 -21.12 46.91
N ASP A 407 -27.45 -22.42 47.15
CA ASP A 407 -26.61 -23.26 46.30
C ASP A 407 -27.42 -23.63 45.06
N LYS A 408 -26.93 -24.57 44.26
CA LYS A 408 -27.68 -24.92 43.06
C LYS A 408 -29.08 -25.31 43.49
N ASP A 409 -30.06 -24.57 43.00
CA ASP A 409 -31.46 -24.79 43.34
C ASP A 409 -32.32 -24.76 42.08
N THR A 410 -32.39 -23.57 41.47
CA THR A 410 -33.23 -23.33 40.32
C THR A 410 -32.64 -23.99 39.07
N TRP A 411 -33.35 -23.86 37.95
CA TRP A 411 -32.90 -24.46 36.70
C TRP A 411 -31.54 -23.92 36.29
N ALA A 412 -31.10 -22.87 36.95
CA ALA A 412 -29.78 -22.31 36.71
C ALA A 412 -29.13 -21.80 37.99
N ASP A 413 -27.85 -22.12 38.16
CA ASP A 413 -27.08 -21.56 39.26
C ASP A 413 -26.71 -20.13 38.91
N TYR A 414 -26.32 -19.93 37.65
CA TYR A 414 -25.98 -18.61 37.14
C TYR A 414 -26.65 -18.37 35.80
N ALA A 415 -27.39 -17.27 35.70
CA ALA A 415 -28.06 -16.90 34.45
C ALA A 415 -27.85 -15.42 34.18
N ARG A 416 -27.65 -15.06 32.92
CA ARG A 416 -27.50 -13.65 32.54
C ARG A 416 -27.97 -13.34 31.13
N LEU A 417 -28.62 -12.18 30.98
CA LEU A 417 -28.99 -11.66 29.69
C LEU A 417 -28.15 -10.42 29.44
N SER A 418 -27.70 -10.26 28.21
CA SER A 418 -26.82 -9.15 27.86
C SER A 418 -27.25 -8.54 26.55
N TYR A 419 -27.43 -7.22 26.54
CA TYR A 419 -27.70 -6.49 25.32
C TYR A 419 -26.67 -5.38 25.17
N ASP A 420 -25.90 -5.41 24.08
CA ASP A 420 -24.89 -4.40 23.83
C ASP A 420 -25.01 -3.76 22.46
N ARG A 421 -24.97 -2.43 22.43
CA ARG A 421 -24.89 -1.71 21.17
C ARG A 421 -23.50 -1.10 21.09
N GLN A 422 -22.69 -1.63 20.18
CA GLN A 422 -21.32 -1.15 20.04
C GLN A 422 -21.01 -0.66 18.65
N GLY A 423 -20.00 0.18 18.56
CA GLY A 423 -19.54 0.67 17.29
C GLY A 423 -18.07 0.99 17.31
N VAL A 424 -17.45 0.87 16.15
CA VAL A 424 -16.03 0.94 16.02
C VAL A 424 -15.75 1.63 14.71
N GLY A 425 -14.74 2.49 14.69
CA GLY A 425 -14.37 3.15 13.47
C GLY A 425 -12.92 3.52 13.39
N LEU A 426 -12.45 3.58 12.15
CA LEU A 426 -11.04 3.85 11.88
C LEU A 426 -11.01 4.88 10.76
N ASP A 427 -10.45 6.05 11.08
CA ASP A 427 -10.40 7.18 10.17
C ASP A 427 -8.95 7.44 9.74
N ASN A 428 -8.64 7.12 8.49
CA ASN A 428 -7.27 7.20 7.99
C ASN A 428 -6.74 8.60 7.67
N HIS A 429 -7.49 9.37 6.89
CA HIS A 429 -7.12 10.76 6.58
C HIS A 429 -5.65 11.01 6.21
N PHE A 430 -5.26 10.61 5.01
CA PHE A 430 -3.94 10.94 4.44
C PHE A 430 -3.87 12.36 3.93
N GLN A 431 -2.72 12.98 4.09
CA GLN A 431 -2.48 14.30 3.52
C GLN A 431 -1.08 14.36 2.94
N GLN A 432 -0.94 15.12 1.87
CA GLN A 432 0.37 15.39 1.29
C GLN A 432 0.50 16.88 1.02
N THR A 433 1.65 17.45 1.33
CA THR A 433 1.87 18.87 1.01
C THR A 433 3.26 19.18 0.49
N HIS A 434 3.31 20.02 -0.54
CA HIS A 434 4.55 20.53 -1.07
C HIS A 434 4.49 22.03 -1.15
N CYS A 435 4.25 22.68 -0.01
CA CYS A 435 4.10 24.13 0.04
C CYS A 435 4.80 24.78 1.22
N SER A 436 5.97 24.26 1.58
CA SER A 436 6.79 24.82 2.65
C SER A 436 8.26 24.49 2.52
N ALA A 437 9.08 25.17 3.33
CA ALA A 437 10.50 24.85 3.42
C ALA A 437 10.58 23.40 3.87
N ASP A 438 9.57 23.01 4.64
CA ASP A 438 9.41 21.63 5.09
C ASP A 438 10.62 21.06 5.83
N GLY A 439 10.76 21.44 7.09
CA GLY A 439 9.75 22.20 7.79
C GLY A 439 8.58 21.35 8.30
N SER A 440 8.41 20.17 7.72
CA SER A 440 7.34 19.26 8.12
C SER A 440 5.96 19.90 8.25
N ASP A 441 5.62 20.86 7.39
CA ASP A 441 4.35 21.57 7.57
C ASP A 441 3.16 20.86 6.93
N LYS A 442 2.19 20.50 7.76
CA LYS A 442 0.98 19.81 7.30
C LYS A 442 -0.19 20.76 7.04
N TYR A 443 -0.06 22.02 7.45
CA TYR A 443 -1.11 23.00 7.25
C TYR A 443 -0.92 23.77 5.94
N CYS A 444 0.33 24.07 5.61
CA CYS A 444 0.64 24.78 4.39
C CYS A 444 -0.22 24.32 3.23
N ARG A 445 -0.54 25.23 2.32
CA ARG A 445 -1.37 24.91 1.17
C ARG A 445 -1.01 25.80 -0.03
N PRO A 446 -1.63 25.53 -1.17
CA PRO A 446 -1.37 26.31 -2.38
C PRO A 446 -2.09 27.66 -2.41
N SER A 447 -1.41 28.68 -2.93
CA SER A 447 -1.96 30.03 -2.99
C SER A 447 -1.23 30.84 -4.06
N ALA A 448 -1.79 31.98 -4.44
CA ALA A 448 -1.13 32.88 -5.37
C ALA A 448 0.32 33.20 -4.96
N ASP A 449 0.51 33.59 -3.71
CA ASP A 449 1.84 33.95 -3.21
C ASP A 449 2.85 32.81 -3.29
N LYS A 450 2.35 31.59 -3.43
CA LYS A 450 3.23 30.42 -3.50
C LYS A 450 3.04 29.67 -4.82
N PRO A 451 3.59 30.22 -5.91
CA PRO A 451 3.22 29.85 -7.28
C PRO A 451 3.21 28.35 -7.53
N PHE A 452 4.24 27.65 -7.08
CA PHE A 452 4.40 26.22 -7.38
C PHE A 452 3.93 25.18 -6.34
N SER A 453 3.14 25.62 -5.36
CA SER A 453 2.65 24.76 -4.28
C SER A 453 1.78 23.59 -4.75
N TYR A 454 1.67 22.58 -3.87
CA TYR A 454 0.78 21.45 -4.09
C TYR A 454 0.18 20.94 -2.78
N TYR A 455 -1.02 20.37 -2.86
CA TYR A 455 -1.65 19.71 -1.70
C TYR A 455 -2.60 18.60 -2.13
N LYS A 456 -2.72 17.57 -1.30
CA LYS A 456 -3.71 16.52 -1.53
C LYS A 456 -4.25 15.91 -0.23
N SER A 457 -5.51 15.53 -0.24
CA SER A 457 -6.16 14.92 0.91
C SER A 457 -6.97 13.72 0.47
N ASP A 458 -6.70 12.58 1.10
CA ASP A 458 -7.48 11.39 0.82
C ASP A 458 -7.89 10.71 2.11
N ARG A 459 -9.19 10.68 2.39
CA ARG A 459 -9.65 10.11 3.65
C ARG A 459 -10.54 8.88 3.47
N VAL A 460 -10.15 7.79 4.12
CA VAL A 460 -10.86 6.51 4.01
C VAL A 460 -11.27 6.01 5.39
N ILE A 461 -12.57 5.83 5.59
CA ILE A 461 -13.09 5.49 6.92
C ILE A 461 -13.77 4.12 6.96
N TYR A 462 -13.22 3.20 7.75
CA TYR A 462 -13.85 1.88 7.87
C TYR A 462 -14.41 1.63 9.26
N GLY A 463 -15.65 1.16 9.33
CA GLY A 463 -16.31 1.03 10.60
C GLY A 463 -17.28 -0.14 10.67
N GLU A 464 -17.64 -0.52 11.89
CA GLU A 464 -18.58 -1.61 12.09
C GLU A 464 -19.45 -1.31 13.28
N SER A 465 -20.66 -1.87 13.27
CA SER A 465 -21.53 -1.77 14.44
C SER A 465 -22.25 -3.08 14.75
N HIS A 466 -22.47 -3.30 16.04
CA HIS A 466 -23.18 -4.48 16.53
C HIS A 466 -24.35 -4.08 17.40
N ARG A 467 -25.47 -4.76 17.23
CA ARG A 467 -26.56 -4.75 18.20
C ARG A 467 -26.77 -6.19 18.64
N LEU A 468 -26.45 -6.50 19.89
CA LEU A 468 -26.31 -7.90 20.30
C LEU A 468 -27.05 -8.32 21.57
N LEU A 469 -27.80 -9.40 21.45
CA LEU A 469 -28.43 -10.04 22.60
C LEU A 469 -27.74 -11.36 22.79
N GLN A 470 -27.30 -11.65 23.99
CA GLN A 470 -26.70 -12.93 24.29
C GLN A 470 -27.03 -13.37 25.71
N ALA A 471 -27.33 -14.64 25.88
CA ALA A 471 -27.74 -15.13 27.19
C ALA A 471 -26.90 -16.33 27.63
N ALA A 472 -26.34 -16.25 28.83
CA ALA A 472 -25.51 -17.34 29.34
C ALA A 472 -26.08 -17.94 30.63
N PHE A 473 -26.23 -19.25 30.67
CA PHE A 473 -26.80 -19.92 31.83
C PHE A 473 -25.88 -21.05 32.26
N LYS A 474 -25.62 -21.15 33.56
CA LYS A 474 -24.78 -22.23 34.07
C LYS A 474 -25.48 -22.99 35.19
N LYS A 475 -25.79 -24.26 34.94
CA LYS A 475 -26.37 -25.12 35.97
C LYS A 475 -25.38 -26.23 36.31
N SER A 476 -25.49 -26.76 37.52
CA SER A 476 -24.52 -27.74 38.01
C SER A 476 -25.16 -28.82 38.88
N PHE A 477 -24.40 -29.89 39.11
CA PHE A 477 -24.81 -30.99 39.97
C PHE A 477 -23.55 -31.55 40.63
N ASP A 478 -23.68 -32.03 41.87
CA ASP A 478 -22.53 -32.56 42.60
C ASP A 478 -22.92 -33.79 43.42
N ARG A 483 -20.96 -33.77 39.91
CA ARG A 483 -19.70 -33.47 39.26
C ARG A 483 -19.94 -32.76 37.93
N HIS A 484 -21.21 -32.64 37.56
CA HIS A 484 -21.61 -31.94 36.33
C HIS A 484 -21.43 -30.43 36.43
N ASN A 485 -20.93 -29.84 35.36
CA ASN A 485 -20.97 -28.40 35.15
C ASN A 485 -21.55 -28.11 33.77
N LEU A 486 -22.75 -27.54 33.76
CA LEU A 486 -23.47 -27.26 32.52
C LEU A 486 -23.30 -25.81 32.13
N SER A 487 -23.19 -25.59 30.84
CA SER A 487 -22.98 -24.26 30.30
C SER A 487 -23.81 -24.10 29.03
N VAL A 488 -24.59 -23.03 28.98
CA VAL A 488 -25.35 -22.66 27.80
C VAL A 488 -25.05 -21.20 27.47
N ASN A 489 -24.86 -20.96 26.18
CA ASN A 489 -24.44 -19.67 25.68
C ASN A 489 -25.22 -19.41 24.41
N LEU A 490 -25.94 -18.31 24.34
CA LEU A 490 -26.80 -18.02 23.20
C LEU A 490 -26.57 -16.61 22.69
N GLY A 491 -26.84 -16.38 21.40
CA GLY A 491 -26.79 -15.02 20.90
C GLY A 491 -27.34 -14.70 19.53
N PHE A 492 -27.78 -13.47 19.37
CA PHE A 492 -28.32 -12.99 18.12
C PHE A 492 -27.92 -11.54 17.96
N ASP A 493 -27.47 -11.17 16.78
CA ASP A 493 -27.04 -9.81 16.53
C ASP A 493 -27.37 -9.26 15.15
N ARG A 494 -27.58 -7.95 15.13
CA ARG A 494 -27.77 -7.18 13.92
C ARG A 494 -26.48 -6.41 13.72
N PHE A 495 -25.75 -6.71 12.65
CA PHE A 495 -24.40 -6.16 12.47
C PHE A 495 -24.19 -5.46 11.12
N GLY A 496 -23.21 -4.55 11.08
CA GLY A 496 -22.84 -3.96 9.80
C GLY A 496 -21.40 -3.47 9.67
N SER A 497 -20.92 -3.47 8.43
CA SER A 497 -19.58 -3.00 8.11
C SER A 497 -19.68 -2.00 6.97
N ASN A 498 -19.26 -0.77 7.25
CA ASN A 498 -19.41 0.35 6.34
C ASN A 498 -18.06 1.00 6.03
N LEU A 499 -17.72 1.06 4.73
CA LEU A 499 -16.52 1.73 4.29
C LEU A 499 -16.87 2.95 3.46
N ARG A 500 -16.46 4.13 3.93
CA ARG A 500 -16.71 5.38 3.21
C ARG A 500 -15.41 5.95 2.69
N HIS A 501 -15.51 6.67 1.57
CA HIS A 501 -14.35 7.31 0.97
C HIS A 501 -14.71 8.78 0.74
N GLN A 502 -14.03 9.67 1.45
CA GLN A 502 -14.40 11.08 1.41
C GLN A 502 -13.22 12.00 1.70
N ASP A 503 -13.40 13.29 1.39
CA ASP A 503 -12.34 14.28 1.55
C ASP A 503 -11.16 13.90 0.65
N TYR A 504 -11.49 13.48 -0.57
CA TYR A 504 -10.51 13.08 -1.55
C TYR A 504 -10.46 14.14 -2.64
N TYR A 505 -9.33 14.82 -2.76
CA TYR A 505 -9.21 15.93 -3.70
C TYR A 505 -7.80 16.50 -3.72
N TYR A 506 -7.51 17.33 -4.72
CA TYR A 506 -6.19 17.96 -4.81
C TYR A 506 -6.29 19.47 -4.99
N GLN A 507 -5.16 20.13 -4.79
CA GLN A 507 -5.03 21.57 -4.99
C GLN A 507 -3.64 21.87 -5.49
N HIS A 508 -3.54 22.82 -6.43
CA HIS A 508 -2.25 23.35 -6.81
C HIS A 508 -2.39 24.75 -7.35
N ALA A 509 -1.39 25.58 -7.08
CA ALA A 509 -1.25 26.84 -7.75
C ALA A 509 -0.20 26.58 -8.80
N ASN A 510 -0.41 27.11 -9.99
CA ASN A 510 0.63 27.08 -11.00
C ASN A 510 0.88 28.47 -11.55
N ARG A 511 2.14 28.89 -11.50
CA ARG A 511 2.52 30.22 -11.93
C ARG A 511 2.02 30.46 -13.35
N ALA A 512 1.28 31.56 -13.52
CA ALA A 512 0.86 31.98 -14.86
C ALA A 512 2.05 32.64 -15.53
N TYR A 513 2.36 32.21 -16.74
CA TYR A 513 3.56 32.68 -17.42
C TYR A 513 3.34 32.69 -18.92
N SER A 514 4.05 33.57 -19.61
CA SER A 514 3.98 33.60 -21.07
C SER A 514 5.29 34.08 -21.68
N SER A 515 5.66 33.49 -22.82
CA SER A 515 6.77 34.00 -23.59
C SER A 515 6.17 34.63 -24.83
N ASN A 516 6.46 35.91 -25.04
CA ASN A 516 5.80 36.66 -26.09
C ASN A 516 6.82 37.35 -26.96
N THR A 517 6.36 37.90 -28.09
CA THR A 517 7.26 38.51 -29.04
C THR A 517 6.87 39.97 -29.24
N PRO A 518 7.87 40.86 -29.29
CA PRO A 518 7.66 42.30 -29.41
C PRO A 518 7.27 42.77 -30.81
N PRO A 519 6.47 43.84 -30.89
CA PRO A 519 6.19 44.53 -32.16
C PRO A 519 7.49 45.05 -32.75
N GLN A 520 7.80 44.88 -34.04
CA GLN A 520 6.88 44.52 -35.15
C GLN A 520 6.23 45.70 -35.90
N ASN A 521 6.49 46.92 -35.45
CA ASN A 521 6.01 48.11 -36.17
C ASN A 521 6.58 48.22 -37.58
N ASN A 522 7.60 47.42 -37.88
CA ASN A 522 8.44 47.63 -39.06
C ASN A 522 8.04 46.94 -40.37
N GLY A 523 7.09 46.01 -40.31
CA GLY A 523 6.77 45.22 -41.49
C GLY A 523 7.66 44.00 -41.60
N LYS A 524 8.45 43.76 -40.56
CA LYS A 524 9.19 42.50 -40.41
C LYS A 524 9.35 42.18 -38.93
N LYS A 525 9.18 40.91 -38.55
CA LYS A 525 9.12 40.55 -37.13
C LYS A 525 10.22 39.61 -36.65
N ILE A 526 10.76 39.92 -35.47
CA ILE A 526 11.90 39.20 -34.89
C ILE A 526 11.45 38.15 -33.88
N SER A 527 12.06 36.96 -33.93
CA SER A 527 11.79 35.94 -32.92
C SER A 527 12.95 35.83 -31.93
N PRO A 528 12.73 36.32 -30.69
CA PRO A 528 13.82 36.34 -29.72
C PRO A 528 14.39 34.94 -29.55
N ASN A 529 15.71 34.81 -29.68
CA ASN A 529 16.35 33.53 -29.51
C ASN A 529 16.97 33.35 -28.12
N GLY A 530 16.96 34.40 -27.31
CA GLY A 530 17.54 34.35 -25.98
C GLY A 530 19.00 34.75 -25.88
N SER A 531 19.60 35.08 -27.02
CA SER A 531 20.97 35.59 -27.05
C SER A 531 21.06 36.90 -26.26
N GLU A 532 22.22 37.16 -25.68
CA GLU A 532 22.39 38.34 -24.84
C GLU A 532 21.81 39.57 -25.53
N THR A 533 22.07 39.68 -26.83
CA THR A 533 21.57 40.79 -27.63
C THR A 533 20.09 40.64 -27.99
N SER A 534 19.55 39.44 -27.83
CA SER A 534 18.14 39.19 -28.14
C SER A 534 17.47 38.24 -27.13
N PRO A 535 17.33 38.70 -25.89
CA PRO A 535 16.74 37.92 -24.80
C PRO A 535 15.25 37.74 -25.01
N TYR A 536 14.67 36.69 -24.44
CA TYR A 536 13.23 36.48 -24.54
C TYR A 536 12.44 37.54 -23.79
N TRP A 537 11.22 37.78 -24.24
CA TRP A 537 10.34 38.77 -23.64
C TRP A 537 9.30 38.00 -22.86
N VAL A 538 9.39 38.05 -21.54
CA VAL A 538 8.61 37.12 -20.70
C VAL A 538 7.74 37.78 -19.64
N THR A 539 6.53 37.24 -19.49
CA THR A 539 5.64 37.60 -18.40
C THR A 539 5.60 36.49 -17.34
N ILE A 540 5.88 36.87 -16.10
CA ILE A 540 5.75 35.98 -14.96
C ILE A 540 4.71 36.55 -14.00
N GLY A 541 3.91 35.68 -13.41
CA GLY A 541 2.79 36.14 -12.61
C GLY A 541 2.40 35.20 -11.50
N ARG A 542 1.36 35.60 -10.77
CA ARG A 542 0.94 34.87 -9.59
C ARG A 542 0.55 33.44 -9.92
N GLY A 543 0.70 32.56 -8.95
CA GLY A 543 0.22 31.20 -9.08
C GLY A 543 -1.29 31.20 -9.15
N ASN A 544 -1.83 30.45 -10.11
CA ASN A 544 -3.27 30.24 -10.18
C ASN A 544 -3.68 29.00 -9.40
N VAL A 545 -4.49 29.20 -8.36
CA VAL A 545 -4.95 28.08 -7.55
C VAL A 545 -6.12 27.37 -8.21
N VAL A 546 -6.06 26.05 -8.19
CA VAL A 546 -7.10 25.21 -8.74
C VAL A 546 -7.25 24.00 -7.83
N THR A 547 -8.48 23.55 -7.65
CA THR A 547 -8.71 22.34 -6.87
C THR A 547 -9.67 21.40 -7.58
N GLY A 548 -9.17 20.22 -7.92
CA GLY A 548 -10.02 19.17 -8.46
C GLY A 548 -10.52 18.21 -7.39
N GLN A 549 -11.67 17.60 -7.65
CA GLN A 549 -12.21 16.56 -6.79
C GLN A 549 -11.82 15.21 -7.37
N ILE A 550 -11.24 14.35 -6.54
CA ILE A 550 -10.72 13.08 -7.03
C ILE A 550 -11.73 11.94 -6.94
N CYS A 551 -12.84 12.18 -6.22
CA CYS A 551 -13.83 11.14 -5.98
C CYS A 551 -14.68 10.80 -7.22
N ARG A 552 -14.77 9.51 -7.53
CA ARG A 552 -15.57 9.04 -8.68
C ARG A 552 -16.61 8.03 -8.23
N LEU A 553 -17.60 7.79 -9.08
CA LEU A 553 -18.68 6.86 -8.74
C LEU A 553 -18.91 5.75 -9.78
N GLY A 554 -18.90 4.51 -9.32
CA GLY A 554 -19.29 3.38 -10.15
C GLY A 554 -18.17 2.79 -10.98
N ASN A 555 -16.97 3.33 -10.83
CA ASN A 555 -15.81 2.88 -11.60
C ASN A 555 -15.20 1.59 -11.06
N ASN A 556 -15.55 1.26 -9.82
CA ASN A 556 -14.98 0.11 -9.15
C ASN A 556 -13.47 0.04 -9.26
N THR A 557 -12.82 1.07 -8.71
CA THR A 557 -11.38 1.09 -8.48
C THR A 557 -11.20 1.91 -7.22
N TYR A 558 -9.96 2.08 -6.77
CA TYR A 558 -9.73 2.81 -5.53
C TYR A 558 -10.47 4.13 -5.52
N THR A 559 -10.44 4.83 -6.65
CA THR A 559 -11.00 6.17 -6.74
C THR A 559 -12.52 6.23 -6.62
N ASP A 560 -13.16 5.06 -6.61
CA ASP A 560 -14.61 5.02 -6.46
C ASP A 560 -15.01 5.19 -4.99
N CYS A 561 -15.77 6.25 -4.73
CA CYS A 561 -16.13 6.64 -3.37
C CYS A 561 -17.50 6.15 -2.92
N THR A 562 -18.21 5.37 -3.73
CA THR A 562 -19.51 4.87 -3.28
C THR A 562 -19.30 4.03 -2.02
N PRO A 563 -20.12 4.28 -0.99
CA PRO A 563 -20.02 3.54 0.26
C PRO A 563 -20.08 2.05 -0.01
N ARG A 564 -19.16 1.29 0.55
CA ARG A 564 -19.29 -0.16 0.48
C ARG A 564 -19.83 -0.62 1.82
N SER A 565 -21.09 -1.03 1.80
CA SER A 565 -21.83 -1.35 3.01
C SER A 565 -22.28 -2.79 3.00
N ILE A 566 -22.19 -3.42 4.16
CA ILE A 566 -22.61 -4.79 4.32
C ILE A 566 -23.40 -4.91 5.61
N ASN A 567 -24.62 -5.41 5.54
CA ASN A 567 -25.43 -5.55 6.74
C ASN A 567 -25.83 -7.01 6.93
N GLY A 568 -26.30 -7.37 8.13
CA GLY A 568 -26.78 -8.73 8.29
C GLY A 568 -27.13 -9.18 9.68
N LYS A 569 -27.76 -10.35 9.75
CA LYS A 569 -28.17 -10.92 11.02
C LYS A 569 -27.38 -12.19 11.27
N SER A 570 -27.02 -12.43 12.53
CA SER A 570 -26.34 -13.67 12.90
C SER A 570 -26.76 -14.20 14.25
N TYR A 571 -27.11 -15.49 14.31
CA TYR A 571 -27.34 -16.10 15.61
C TYR A 571 -26.42 -17.28 15.90
N TYR A 572 -26.47 -17.78 17.13
CA TYR A 572 -25.79 -19.01 17.51
C TYR A 572 -26.32 -19.61 18.82
N ALA A 573 -26.16 -20.92 18.92
CA ALA A 573 -26.58 -21.66 20.09
C ALA A 573 -25.43 -22.57 20.46
N ALA A 574 -24.87 -22.33 21.63
CA ALA A 574 -23.69 -23.04 22.09
C ALA A 574 -24.01 -23.69 23.42
N VAL A 575 -23.64 -24.95 23.55
CA VAL A 575 -23.78 -25.65 24.82
C VAL A 575 -22.52 -26.47 25.07
N ARG A 576 -22.02 -26.40 26.29
CA ARG A 576 -20.84 -27.15 26.66
C ARG A 576 -20.96 -27.57 28.11
N ASP A 577 -20.50 -28.78 28.43
CA ASP A 577 -20.54 -29.23 29.81
C ASP A 577 -19.32 -30.09 30.14
N ASN A 578 -18.84 -29.98 31.38
CA ASN A 578 -17.75 -30.84 31.82
C ASN A 578 -18.12 -31.63 33.07
N VAL A 579 -17.48 -32.76 33.28
CA VAL A 579 -17.78 -33.61 34.41
C VAL A 579 -16.49 -34.12 35.05
N ARG A 580 -16.56 -34.42 36.34
CA ARG A 580 -15.44 -34.96 37.09
C ARG A 580 -15.70 -36.40 37.53
N LEU A 581 -14.78 -37.29 37.19
CA LEU A 581 -14.87 -38.68 37.63
C LEU A 581 -13.92 -38.88 38.80
N GLY A 582 -14.50 -39.05 39.99
CA GLY A 582 -13.75 -39.30 41.20
C GLY A 582 -12.62 -38.31 41.37
N ARG A 583 -11.54 -38.76 42.01
CA ARG A 583 -10.30 -38.01 42.05
C ARG A 583 -9.51 -38.28 40.77
N TRP A 584 -9.77 -39.42 40.14
CA TRP A 584 -8.89 -39.96 39.11
C TRP A 584 -8.89 -39.25 37.75
N ALA A 585 -10.04 -38.75 37.30
CA ALA A 585 -10.06 -38.10 35.99
C ALA A 585 -11.10 -36.99 35.86
N ASP A 586 -10.94 -36.17 34.82
CA ASP A 586 -11.90 -35.11 34.50
C ASP A 586 -12.04 -35.00 33.00
N VAL A 587 -13.27 -34.94 32.49
CA VAL A 587 -13.46 -34.79 31.05
C VAL A 587 -14.46 -33.67 30.79
N GLY A 588 -14.44 -33.11 29.59
CA GLY A 588 -15.42 -32.09 29.23
C GLY A 588 -15.61 -31.99 27.74
N ALA A 589 -16.76 -31.52 27.30
CA ALA A 589 -17.01 -31.37 25.87
C ALA A 589 -18.06 -30.31 25.55
N GLY A 590 -17.97 -29.74 24.36
CA GLY A 590 -18.91 -28.73 23.93
C GLY A 590 -19.20 -28.74 22.45
N LEU A 591 -20.34 -28.16 22.09
CA LEU A 591 -20.85 -28.17 20.74
C LEU A 591 -21.58 -26.86 20.55
N ARG A 592 -21.46 -26.28 19.37
CA ARG A 592 -22.13 -25.02 19.10
C ARG A 592 -22.49 -24.89 17.63
N TYR A 593 -23.56 -24.14 17.37
CA TYR A 593 -24.08 -23.96 16.04
C TYR A 593 -24.17 -22.46 15.75
N ASP A 594 -23.66 -22.05 14.59
CA ASP A 594 -23.70 -20.65 14.17
C ASP A 594 -24.40 -20.48 12.82
N TYR A 595 -25.11 -19.37 12.67
CA TYR A 595 -25.76 -19.04 11.40
C TYR A 595 -25.64 -17.54 11.12
N ARG A 596 -25.22 -17.18 9.91
CA ARG A 596 -25.11 -15.77 9.57
C ARG A 596 -25.54 -15.46 8.13
N SER A 597 -26.41 -14.48 7.96
CA SER A 597 -26.82 -14.04 6.64
C SER A 597 -26.51 -12.55 6.46
N THR A 598 -25.90 -12.23 5.32
CA THR A 598 -25.51 -10.86 5.02
C THR A 598 -26.03 -10.36 3.67
N HIS A 599 -26.61 -9.17 3.68
CA HIS A 599 -27.07 -8.53 2.46
C HIS A 599 -26.26 -7.28 2.13
N SER A 600 -26.15 -7.02 0.83
CA SER A 600 -25.54 -5.80 0.32
C SER A 600 -26.33 -5.42 -0.92
N ASP A 601 -26.30 -4.14 -1.25
CA ASP A 601 -27.02 -3.63 -2.42
C ASP A 601 -26.15 -3.68 -3.67
N ASP A 602 -24.98 -4.31 -3.54
CA ASP A 602 -24.04 -4.44 -4.63
C ASP A 602 -23.93 -5.91 -5.07
N GLY A 603 -23.04 -6.18 -6.01
CA GLY A 603 -22.76 -7.52 -6.51
C GLY A 603 -21.71 -8.17 -5.64
N SER A 604 -21.67 -7.74 -4.38
CA SER A 604 -20.70 -8.23 -3.39
C SER A 604 -20.91 -9.71 -3.11
N VAL A 605 -19.89 -10.33 -2.50
CA VAL A 605 -19.82 -11.78 -2.36
C VAL A 605 -20.68 -12.27 -1.19
N SER A 606 -21.46 -11.36 -0.61
CA SER A 606 -22.33 -11.66 0.51
C SER A 606 -23.27 -12.84 0.26
N THR A 607 -23.61 -13.53 1.34
CA THR A 607 -24.48 -14.70 1.31
C THR A 607 -24.71 -15.12 2.76
N GLY A 608 -25.76 -15.88 3.03
CA GLY A 608 -25.85 -16.56 4.31
C GLY A 608 -24.84 -17.68 4.33
N THR A 609 -23.87 -17.62 5.24
CA THR A 609 -22.83 -18.65 5.30
C THR A 609 -23.34 -19.79 6.14
N HIS A 610 -22.92 -21.01 5.82
CA HIS A 610 -23.77 -22.15 6.18
C HIS A 610 -23.51 -22.77 7.55
N ARG A 611 -24.42 -22.45 8.46
CA ARG A 611 -24.73 -23.30 9.61
C ARG A 611 -23.49 -23.92 10.24
N THR A 612 -22.41 -23.16 10.32
CA THR A 612 -21.16 -23.72 10.81
C THR A 612 -21.37 -24.31 12.20
N LEU A 613 -21.04 -25.59 12.35
CA LEU A 613 -21.19 -26.25 13.64
C LEU A 613 -19.85 -26.76 14.13
N SER A 614 -19.55 -26.49 15.41
CA SER A 614 -18.24 -26.75 15.96
C SER A 614 -18.32 -27.56 17.24
N TRP A 615 -17.18 -28.14 17.63
CA TRP A 615 -17.10 -28.96 18.83
C TRP A 615 -15.71 -28.96 19.45
N ASN A 616 -15.67 -29.38 20.71
CA ASN A 616 -14.43 -29.62 21.43
C ASN A 616 -14.62 -30.73 22.46
N ALA A 617 -13.54 -31.46 22.72
CA ALA A 617 -13.56 -32.53 23.69
C ALA A 617 -12.22 -32.53 24.40
N GLY A 618 -12.22 -32.91 25.68
CA GLY A 618 -11.00 -32.92 26.45
C GLY A 618 -11.04 -33.85 27.65
N ILE A 619 -9.86 -34.31 28.07
CA ILE A 619 -9.75 -35.22 29.19
C ILE A 619 -8.47 -34.96 29.96
N VAL A 620 -8.47 -35.34 31.23
CA VAL A 620 -7.27 -35.28 32.06
C VAL A 620 -7.28 -36.49 33.01
N LEU A 621 -6.15 -37.18 33.05
CA LEU A 621 -5.99 -38.35 33.89
C LEU A 621 -5.16 -37.98 35.10
N LYS A 622 -5.50 -38.57 36.24
CA LYS A 622 -4.79 -38.27 37.48
C LYS A 622 -4.33 -39.52 38.24
N PRO A 623 -3.37 -40.25 37.67
CA PRO A 623 -2.70 -41.33 38.38
C PRO A 623 -1.86 -40.71 39.49
N THR A 624 -1.68 -39.40 39.38
CA THR A 624 -0.91 -38.60 40.33
C THR A 624 0.50 -39.16 40.52
N ASP A 625 0.96 -39.25 41.77
CA ASP A 625 2.40 -39.24 42.03
C ASP A 625 2.78 -37.76 42.09
N TRP A 626 1.76 -36.92 41.96
CA TRP A 626 1.88 -35.48 41.74
C TRP A 626 1.90 -35.18 40.24
N LEU A 627 1.87 -36.23 39.44
CA LEU A 627 1.79 -36.08 37.99
C LEU A 627 0.34 -36.02 37.53
N ASP A 628 0.15 -35.75 36.23
CA ASP A 628 -1.13 -35.99 35.57
C ASP A 628 -1.10 -35.61 34.09
N LEU A 629 -2.03 -36.17 33.33
CA LEU A 629 -1.95 -36.12 31.87
C LEU A 629 -3.18 -35.42 31.30
N THR A 630 -3.05 -34.92 30.08
CA THR A 630 -4.10 -34.12 29.46
C THR A 630 -4.20 -34.25 27.95
N TYR A 631 -5.43 -34.21 27.44
CA TYR A 631 -5.66 -34.26 26.01
C TYR A 631 -6.81 -33.35 25.58
N ARG A 632 -6.62 -32.67 24.46
CA ARG A 632 -7.52 -31.65 23.97
C ARG A 632 -7.73 -31.76 22.48
N THR A 633 -8.97 -31.57 22.05
CA THR A 633 -9.32 -31.55 20.63
C THR A 633 -10.39 -30.48 20.40
N SER A 634 -10.18 -29.63 19.40
CA SER A 634 -11.18 -28.60 19.12
C SER A 634 -11.22 -28.16 17.65
N THR A 635 -12.37 -27.67 17.22
CA THR A 635 -12.52 -27.24 15.83
C THR A 635 -12.62 -25.72 15.79
N GLY A 636 -12.22 -25.13 14.67
CA GLY A 636 -12.27 -23.68 14.53
C GLY A 636 -12.53 -23.23 13.11
N PHE A 637 -13.02 -22.00 12.97
CA PHE A 637 -13.43 -21.51 11.67
C PHE A 637 -13.44 -19.98 11.57
N ARG A 638 -13.38 -19.48 10.35
CA ARG A 638 -13.52 -18.05 10.08
C ARG A 638 -14.33 -17.80 8.81
N LEU A 639 -15.24 -16.85 8.87
CA LEU A 639 -15.97 -16.43 7.67
C LEU A 639 -15.20 -15.35 6.91
N PRO A 640 -15.45 -15.25 5.60
CA PRO A 640 -14.67 -14.34 4.76
C PRO A 640 -14.66 -12.91 5.30
N SER A 641 -13.47 -12.32 5.39
CA SER A 641 -13.35 -10.94 5.83
C SER A 641 -14.17 -10.07 4.91
N PHE A 642 -14.85 -9.08 5.48
CA PHE A 642 -15.71 -8.22 4.69
C PHE A 642 -14.97 -7.61 3.49
N ALA A 643 -13.66 -7.44 3.66
CA ALA A 643 -12.80 -7.05 2.55
C ALA A 643 -12.81 -8.14 1.47
N GLU A 644 -12.63 -9.39 1.89
CA GLU A 644 -12.66 -10.52 0.97
C GLU A 644 -14.03 -10.65 0.31
N MET A 645 -15.05 -10.18 1.00
CA MET A 645 -16.41 -10.22 0.47
C MET A 645 -16.67 -9.11 -0.53
N TYR A 646 -15.99 -7.97 -0.37
CA TYR A 646 -16.16 -6.88 -1.32
C TYR A 646 -15.54 -7.22 -2.67
N GLY A 647 -14.63 -8.20 -2.68
CA GLY A 647 -14.07 -8.70 -3.93
C GLY A 647 -12.87 -7.92 -4.46
N TRP A 648 -12.29 -8.43 -5.55
CA TRP A 648 -11.05 -7.90 -6.10
C TRP A 648 -11.16 -6.64 -6.97
N ARG A 649 -12.20 -6.54 -7.80
CA ARG A 649 -12.53 -5.25 -8.45
C ARG A 649 -11.46 -4.64 -9.37
N ALA A 650 -11.33 -5.13 -10.59
CA ALA A 650 -10.35 -4.60 -11.54
C ALA A 650 -10.80 -3.32 -12.28
N GLY A 651 -11.97 -2.81 -11.92
CA GLY A 651 -12.48 -1.60 -12.53
C GLY A 651 -13.60 -1.89 -13.52
N VAL A 652 -14.03 -3.15 -13.53
CA VAL A 652 -15.07 -3.62 -14.44
C VAL A 652 -16.18 -4.27 -13.62
N GLN A 653 -17.16 -4.84 -14.31
CA GLN A 653 -18.21 -5.63 -13.66
C GLN A 653 -17.62 -6.92 -13.11
N SER A 654 -17.97 -7.24 -11.86
CA SER A 654 -17.46 -8.45 -11.22
C SER A 654 -18.59 -9.29 -10.63
N LYS A 655 -18.44 -10.61 -10.72
CA LYS A 655 -19.45 -11.52 -10.19
C LYS A 655 -19.08 -11.89 -8.76
N ALA A 656 -20.10 -12.06 -7.92
CA ALA A 656 -19.84 -12.44 -6.55
C ALA A 656 -19.81 -13.95 -6.51
N VAL A 657 -18.62 -14.49 -6.26
CA VAL A 657 -18.46 -15.94 -6.22
C VAL A 657 -18.42 -16.39 -4.76
N LYS A 658 -19.48 -17.07 -4.33
CA LYS A 658 -19.62 -17.47 -2.94
C LYS A 658 -18.44 -18.34 -2.51
N ILE A 659 -17.99 -18.15 -1.27
CA ILE A 659 -16.80 -18.83 -0.78
C ILE A 659 -16.97 -19.48 0.60
N ASP A 660 -16.45 -20.68 0.74
CA ASP A 660 -16.51 -21.40 2.01
C ASP A 660 -15.69 -20.66 3.06
N PRO A 661 -16.01 -20.89 4.34
CA PRO A 661 -15.20 -20.33 5.43
C PRO A 661 -13.86 -21.06 5.56
N GLU A 662 -12.86 -20.37 6.07
CA GLU A 662 -11.60 -21.02 6.40
C GLU A 662 -11.83 -21.95 7.57
N LYS A 663 -11.20 -23.12 7.52
CA LYS A 663 -11.45 -24.19 8.48
C LYS A 663 -10.15 -24.59 9.19
N SER A 664 -10.30 -25.07 10.43
CA SER A 664 -9.14 -25.44 11.23
C SER A 664 -9.43 -26.52 12.24
N PHE A 665 -8.46 -27.37 12.50
CA PHE A 665 -8.61 -28.45 13.46
C PHE A 665 -7.40 -28.43 14.36
N ASN A 666 -7.62 -28.42 15.67
CA ASN A 666 -6.48 -28.50 16.57
C ASN A 666 -6.54 -29.67 17.55
N LYS A 667 -5.42 -30.39 17.64
CA LYS A 667 -5.28 -31.43 18.63
C LYS A 667 -4.02 -31.15 19.43
N GLU A 668 -4.13 -31.17 20.75
CA GLU A 668 -2.98 -30.93 21.61
C GLU A 668 -2.97 -31.94 22.76
N ALA A 669 -1.81 -32.50 23.05
CA ALA A 669 -1.65 -33.43 24.16
C ALA A 669 -0.54 -32.94 25.07
N GLY A 670 -0.75 -33.05 26.38
CA GLY A 670 0.22 -32.55 27.33
C GLY A 670 0.33 -33.34 28.61
N ILE A 671 1.41 -33.13 29.35
CA ILE A 671 1.59 -33.76 30.66
C ILE A 671 2.00 -32.67 31.64
N VAL A 672 1.74 -32.87 32.93
CA VAL A 672 2.12 -31.88 33.93
C VAL A 672 2.48 -32.46 35.29
N PHE A 673 3.47 -31.84 35.93
CA PHE A 673 3.90 -32.25 37.26
C PHE A 673 3.53 -31.24 38.33
N LYS A 674 2.51 -31.58 39.12
CA LYS A 674 2.10 -30.79 40.29
C LYS A 674 2.93 -31.12 41.53
N GLY A 675 2.97 -30.20 42.49
CA GLY A 675 3.61 -30.48 43.76
C GLY A 675 4.03 -29.24 44.52
N ASP A 676 4.92 -29.43 45.50
CA ASP A 676 5.41 -28.33 46.33
C ASP A 676 6.11 -27.29 45.48
N PHE A 677 7.03 -27.75 44.64
CA PHE A 677 7.75 -26.88 43.70
C PHE A 677 6.84 -26.07 42.80
N GLY A 678 5.84 -26.73 42.23
CA GLY A 678 4.89 -26.07 41.36
C GLY A 678 4.47 -27.02 40.27
N ASN A 679 3.73 -26.52 39.28
CA ASN A 679 3.37 -27.34 38.14
C ASN A 679 4.31 -27.11 36.96
N LEU A 680 4.83 -28.19 36.40
CA LEU A 680 5.69 -28.12 35.23
C LEU A 680 5.01 -28.83 34.06
N GLU A 681 4.63 -28.06 33.06
CA GLU A 681 3.78 -28.55 31.99
C GLU A 681 4.51 -28.62 30.65
N ALA A 682 4.20 -29.66 29.89
CA ALA A 682 4.73 -29.82 28.55
C ALA A 682 3.60 -30.17 27.59
N SER A 683 3.57 -29.50 26.44
CA SER A 683 2.48 -29.63 25.48
C SER A 683 2.98 -29.85 24.07
N TRP A 684 2.19 -30.57 23.29
CA TRP A 684 2.50 -30.86 21.89
C TRP A 684 1.25 -30.67 21.06
N PHE A 685 1.36 -29.89 19.98
CA PHE A 685 0.17 -29.57 19.19
C PHE A 685 0.30 -29.69 17.68
N ASN A 686 -0.81 -30.14 17.08
CA ASN A 686 -0.98 -30.14 15.64
C ASN A 686 -2.21 -29.30 15.27
N ASN A 687 -1.97 -28.29 14.44
CA ASN A 687 -3.04 -27.50 13.86
C ASN A 687 -3.12 -27.74 12.36
N ALA A 688 -4.31 -28.07 11.88
CA ALA A 688 -4.57 -28.20 10.46
C ALA A 688 -5.41 -27.02 9.99
N TYR A 689 -5.03 -26.46 8.85
CA TYR A 689 -5.75 -25.33 8.28
C TYR A 689 -6.14 -25.67 6.84
N ARG A 690 -7.37 -25.34 6.47
CA ARG A 690 -7.92 -25.74 5.17
C ARG A 690 -8.91 -24.71 4.63
N ASP A 691 -9.17 -24.77 3.33
CA ASP A 691 -10.06 -23.81 2.67
C ASP A 691 -9.63 -22.36 2.87
N LEU A 692 -8.32 -22.16 3.01
CA LEU A 692 -7.75 -20.84 3.23
C LEU A 692 -8.04 -19.89 2.07
N ILE A 693 -8.32 -18.65 2.41
CA ILE A 693 -8.74 -17.65 1.43
C ILE A 693 -7.57 -16.83 0.88
N VAL A 694 -7.48 -16.77 -0.45
CA VAL A 694 -6.45 -16.00 -1.13
C VAL A 694 -7.04 -15.42 -2.40
N ARG A 695 -6.38 -14.42 -2.97
CA ARG A 695 -6.77 -13.93 -4.28
C ARG A 695 -6.22 -14.88 -5.33
N GLY A 696 -7.06 -15.28 -6.27
CA GLY A 696 -6.64 -16.26 -7.26
C GLY A 696 -7.67 -16.59 -8.32
N TYR A 697 -7.47 -17.73 -8.98
CA TYR A 697 -8.28 -18.13 -10.12
C TYR A 697 -8.76 -19.56 -9.97
N GLU A 698 -9.87 -19.89 -10.63
CA GLU A 698 -10.32 -21.28 -10.66
C GLU A 698 -9.56 -22.07 -11.71
N ALA A 699 -9.41 -23.37 -11.50
CA ALA A 699 -8.66 -24.19 -12.44
C ALA A 699 -9.51 -25.36 -12.95
N GLN A 700 -9.65 -25.46 -14.27
CA GLN A 700 -10.35 -26.58 -14.85
C GLN A 700 -9.40 -27.37 -15.74
N ILE A 701 -9.70 -28.64 -15.96
CA ILE A 701 -8.83 -29.49 -16.76
C ILE A 701 -9.51 -29.94 -18.03
N LYS A 702 -8.73 -30.00 -19.11
CA LYS A 702 -9.15 -30.60 -20.35
C LYS A 702 -8.03 -30.48 -21.35
N ASP A 703 -8.02 -31.37 -22.34
CA ASP A 703 -7.07 -31.27 -23.46
C ASP A 703 -5.63 -31.80 -23.30
N GLY A 704 -5.19 -32.30 -22.14
CA GLY A 704 -5.91 -32.34 -20.88
C GLY A 704 -5.41 -31.31 -19.88
N LYS A 705 -4.80 -30.24 -20.39
CA LYS A 705 -4.10 -29.25 -19.57
C LYS A 705 -5.03 -28.39 -18.71
N GLU A 706 -4.43 -27.46 -17.95
CA GLU A 706 -5.19 -26.60 -17.05
C GLU A 706 -5.55 -25.26 -17.67
N GLU A 707 -6.73 -24.77 -17.30
CA GLU A 707 -7.23 -23.49 -17.77
C GLU A 707 -7.82 -22.71 -16.60
N ALA A 708 -7.35 -21.47 -16.45
CA ALA A 708 -7.83 -20.58 -15.40
C ALA A 708 -9.16 -19.95 -15.80
N LYS A 709 -10.10 -19.88 -14.86
CA LYS A 709 -11.37 -19.22 -15.09
C LYS A 709 -12.02 -18.70 -13.81
N GLY A 710 -12.91 -17.72 -13.97
CA GLY A 710 -12.89 -16.86 -15.13
C GLY A 710 -12.45 -15.45 -14.76
N ASP A 711 -12.45 -15.19 -13.45
CA ASP A 711 -12.25 -13.84 -12.96
C ASP A 711 -11.47 -13.86 -11.65
N PRO A 712 -10.68 -12.82 -11.39
CA PRO A 712 -9.91 -12.82 -10.15
C PRO A 712 -10.84 -12.52 -8.98
N ALA A 713 -10.62 -13.21 -7.86
CA ALA A 713 -11.35 -12.93 -6.64
C ALA A 713 -10.71 -13.69 -5.50
N TYR A 714 -11.28 -13.58 -4.31
CA TYR A 714 -10.79 -14.35 -3.18
C TYR A 714 -11.57 -15.66 -3.06
N LEU A 715 -10.84 -16.77 -3.08
CA LEU A 715 -11.46 -18.10 -3.02
C LEU A 715 -10.78 -18.94 -1.94
N ASN A 716 -11.24 -20.16 -1.74
CA ASN A 716 -10.56 -21.01 -0.77
C ASN A 716 -9.69 -21.95 -1.58
N ALA A 717 -8.41 -21.62 -1.67
CA ALA A 717 -7.50 -22.35 -2.53
C ALA A 717 -6.50 -23.30 -1.87
N GLN A 718 -6.41 -23.30 -0.55
CA GLN A 718 -5.25 -23.94 0.06
C GLN A 718 -5.38 -24.41 1.51
N SER A 719 -4.43 -25.26 1.89
CA SER A 719 -4.39 -25.84 3.21
C SER A 719 -2.94 -26.04 3.66
N ALA A 720 -2.69 -25.80 4.93
CA ALA A 720 -1.35 -25.98 5.50
C ALA A 720 -1.47 -26.52 6.91
N ARG A 721 -0.43 -27.21 7.37
CA ARG A 721 -0.44 -27.79 8.70
C ARG A 721 0.81 -27.41 9.48
N ILE A 722 0.65 -27.20 10.79
CA ILE A 722 1.77 -26.84 11.64
C ILE A 722 1.74 -27.73 12.87
N THR A 723 2.92 -28.00 13.43
CA THR A 723 2.98 -28.64 14.75
C THR A 723 3.97 -27.92 15.66
N GLY A 724 3.48 -27.44 16.79
CA GLY A 724 4.36 -26.85 17.78
C GLY A 724 4.56 -27.67 19.04
N ILE A 725 5.47 -27.18 19.90
CA ILE A 725 5.67 -27.73 21.23
C ILE A 725 5.79 -26.57 22.20
N ASN A 726 5.10 -26.67 23.33
CA ASN A 726 5.13 -25.60 24.32
C ASN A 726 5.28 -26.09 25.77
N ILE A 727 6.39 -25.70 26.39
CA ILE A 727 6.65 -26.03 27.78
C ILE A 727 6.50 -24.79 28.63
N LEU A 728 5.88 -24.92 29.80
CA LEU A 728 6.02 -23.88 30.82
C LEU A 728 5.78 -24.42 32.23
N GLY A 729 6.51 -23.87 33.20
CA GLY A 729 6.33 -24.24 34.59
C GLY A 729 6.83 -23.14 35.52
N LYS A 730 6.31 -23.09 36.72
CA LYS A 730 6.73 -22.09 37.70
C LYS A 730 7.18 -22.77 38.97
N ILE A 731 8.47 -22.71 39.27
CA ILE A 731 8.98 -23.36 40.48
C ILE A 731 8.81 -22.57 41.80
N ASP A 732 8.74 -23.32 42.90
CA ASP A 732 8.52 -22.78 44.25
C ASP A 732 9.74 -22.58 45.17
N TRP A 733 10.97 -22.52 44.66
CA TRP A 733 12.09 -23.11 45.39
C TRP A 733 11.91 -22.98 46.89
N ASN A 734 12.06 -24.10 47.58
CA ASN A 734 11.93 -24.17 49.03
C ASN A 734 13.24 -23.81 49.71
N GLY A 743 16.56 -15.07 45.67
CA GLY A 743 15.86 -16.30 45.33
C GLY A 743 14.54 -16.31 46.07
N TRP A 744 13.94 -17.49 46.16
CA TRP A 744 12.51 -17.63 46.42
C TRP A 744 11.54 -18.04 45.31
N TYR A 745 11.96 -18.04 44.05
CA TYR A 745 11.17 -18.63 42.93
C TYR A 745 11.72 -18.33 41.54
N SER A 746 11.07 -18.87 40.52
CA SER A 746 11.40 -18.56 39.15
C SER A 746 10.41 -19.25 38.21
N THR A 747 10.36 -18.75 36.98
CA THR A 747 9.39 -19.23 36.02
C THR A 747 10.06 -19.49 34.69
N PHE A 748 9.70 -20.60 34.05
CA PHE A 748 10.31 -20.97 32.78
C PHE A 748 9.29 -21.29 31.70
N ALA A 749 9.39 -20.59 30.57
CA ALA A 749 8.53 -20.87 29.43
C ALA A 749 9.36 -21.03 28.16
N TYR A 750 8.89 -21.91 27.29
CA TYR A 750 9.53 -22.18 26.02
C TYR A 750 8.47 -22.56 25.01
N ASN A 751 8.67 -22.16 23.76
CA ASN A 751 7.75 -22.50 22.69
C ASN A 751 8.47 -22.60 21.36
N ARG A 752 8.00 -23.50 20.49
CA ARG A 752 8.55 -23.60 19.15
C ARG A 752 7.49 -24.14 18.20
N VAL A 753 7.58 -23.73 16.93
CA VAL A 753 6.58 -24.12 15.94
C VAL A 753 7.23 -24.57 14.65
N ARG A 754 6.72 -25.65 14.05
CA ARG A 754 7.22 -26.12 12.78
C ARG A 754 6.12 -26.24 11.71
N VAL A 755 6.52 -26.13 10.45
CA VAL A 755 5.58 -26.18 9.33
C VAL A 755 5.62 -27.54 8.65
N ARG A 756 4.59 -28.33 8.85
CA ARG A 756 4.57 -29.70 8.31
C ARG A 756 4.35 -29.78 6.80
N ASP A 757 3.25 -29.19 6.31
CA ASP A 757 2.99 -29.21 4.87
C ASP A 757 2.06 -28.09 4.40
N ILE A 758 2.11 -27.83 3.10
CA ILE A 758 1.25 -26.86 2.44
C ILE A 758 0.77 -27.44 1.11
N LYS A 759 -0.55 -27.45 0.90
CA LYS A 759 -1.11 -28.01 -0.32
C LYS A 759 -2.35 -27.27 -0.80
N LYS A 760 -2.52 -27.20 -2.12
CA LYS A 760 -3.53 -26.34 -2.74
C LYS A 760 -4.70 -27.13 -3.34
N ARG A 761 -5.86 -26.47 -3.39
CA ARG A 761 -7.13 -27.12 -3.74
C ARG A 761 -7.08 -27.83 -5.10
N ALA A 762 -6.05 -27.55 -5.88
CA ALA A 762 -5.79 -28.31 -7.11
C ALA A 762 -6.86 -28.10 -8.17
N ASP A 763 -7.99 -27.53 -7.75
CA ASP A 763 -8.98 -27.01 -8.68
C ASP A 763 -8.77 -25.50 -8.80
N ARG A 764 -7.71 -25.00 -8.16
CA ARG A 764 -7.41 -23.57 -8.12
C ARG A 764 -6.03 -23.28 -8.72
N THR A 765 -5.78 -22.02 -9.09
CA THR A 765 -4.47 -21.60 -9.59
C THR A 765 -4.22 -20.10 -9.41
N ASP A 766 -2.98 -19.67 -9.57
CA ASP A 766 -2.61 -18.26 -9.43
C ASP A 766 -2.80 -17.85 -7.97
N ILE A 767 -2.55 -18.82 -7.09
CA ILE A 767 -2.89 -18.73 -5.68
C ILE A 767 -1.75 -18.32 -4.75
N GLN A 768 -0.57 -18.08 -5.31
CA GLN A 768 0.63 -17.97 -4.50
C GLN A 768 0.93 -19.30 -3.83
N SER A 769 1.18 -19.22 -2.53
CA SER A 769 1.46 -20.37 -1.68
C SER A 769 1.22 -19.73 -0.33
N HIS A 770 1.52 -20.39 0.78
CA HIS A 770 1.23 -19.73 2.04
C HIS A 770 2.21 -18.67 2.54
N LEU A 771 3.46 -19.06 2.78
CA LEU A 771 4.43 -18.11 3.37
C LEU A 771 4.07 -17.67 4.78
N PHE A 772 4.27 -18.51 5.78
CA PHE A 772 4.06 -18.01 7.13
C PHE A 772 5.25 -17.14 7.46
N ASP A 773 5.01 -15.84 7.55
CA ASP A 773 5.98 -14.91 8.12
C ASP A 773 5.53 -14.58 9.53
N ALA A 774 4.37 -15.10 9.91
CA ALA A 774 3.70 -14.67 11.13
C ALA A 774 4.15 -15.42 12.37
N ILE A 775 4.82 -16.56 12.21
CA ILE A 775 5.24 -17.33 13.36
C ILE A 775 6.47 -16.64 13.93
N GLN A 776 6.38 -16.23 15.19
CA GLN A 776 7.51 -15.55 15.82
C GLN A 776 8.53 -16.62 16.17
N PRO A 777 9.81 -16.37 15.83
CA PRO A 777 10.89 -17.32 16.09
C PRO A 777 10.89 -17.84 17.53
N SER A 778 11.19 -19.13 17.68
CA SER A 778 11.15 -19.77 18.97
C SER A 778 11.96 -18.98 19.98
N ARG A 779 11.47 -18.91 21.21
CA ARG A 779 12.17 -18.18 22.26
C ARG A 779 12.02 -18.83 23.64
N TYR A 780 13.02 -18.62 24.49
CA TYR A 780 12.98 -19.03 25.88
C TYR A 780 12.74 -17.81 26.75
N VAL A 781 11.89 -17.96 27.77
CA VAL A 781 11.69 -16.89 28.73
C VAL A 781 11.91 -17.45 30.14
N VAL A 782 12.99 -17.02 30.79
CA VAL A 782 13.31 -17.49 32.13
C VAL A 782 13.39 -16.35 33.14
N GLY A 783 12.40 -16.29 34.02
CA GLY A 783 12.40 -15.34 35.12
C GLY A 783 12.90 -15.93 36.42
N LEU A 784 13.45 -15.06 37.26
CA LEU A 784 13.84 -15.38 38.63
C LEU A 784 13.42 -14.21 39.51
N GLY A 785 12.71 -14.48 40.60
CA GLY A 785 12.20 -13.40 41.41
C GLY A 785 12.08 -13.70 42.89
N TYR A 786 12.06 -12.63 43.68
CA TYR A 786 11.90 -12.74 45.13
C TYR A 786 10.83 -11.78 45.62
N ASP A 787 9.79 -12.35 46.23
CA ASP A 787 8.72 -11.55 46.80
C ASP A 787 9.01 -11.23 48.25
N GLN A 788 8.03 -11.49 49.13
CA GLN A 788 8.21 -11.23 50.55
C GLN A 788 6.90 -11.41 51.31
N PRO A 789 6.56 -12.66 51.61
CA PRO A 789 5.32 -12.95 52.34
C PRO A 789 4.83 -11.73 53.12
N GLU A 790 3.96 -10.94 52.50
CA GLU A 790 3.45 -9.73 53.13
C GLU A 790 4.44 -8.57 52.97
N GLY A 791 5.71 -8.86 53.22
CA GLY A 791 6.76 -7.85 53.10
C GLY A 791 6.27 -6.59 52.42
N LYS A 792 5.72 -6.74 51.22
CA LYS A 792 5.21 -5.61 50.46
C LYS A 792 6.13 -5.28 49.29
N TRP A 793 7.42 -5.52 49.46
CA TRP A 793 8.40 -5.26 48.41
C TRP A 793 8.64 -6.49 47.55
N GLY A 794 9.10 -6.28 46.33
CA GLY A 794 9.34 -7.37 45.39
C GLY A 794 10.36 -7.08 44.33
N VAL A 795 11.00 -8.14 43.84
CA VAL A 795 12.03 -8.03 42.82
C VAL A 795 11.89 -9.16 41.81
N ASN A 796 12.24 -8.88 40.57
CA ASN A 796 12.10 -9.86 39.50
C ASN A 796 13.08 -9.61 38.36
N GLY A 797 13.36 -10.66 37.60
CA GLY A 797 14.25 -10.55 36.46
C GLY A 797 13.85 -11.57 35.42
N MET A 798 14.08 -11.23 34.16
CA MET A 798 13.60 -12.05 33.07
C MET A 798 14.58 -12.10 31.91
N LEU A 799 14.71 -13.26 31.29
CA LEU A 799 15.61 -13.43 30.16
C LEU A 799 14.90 -14.01 28.94
N THR A 800 14.70 -13.17 27.93
CA THR A 800 14.07 -13.62 26.70
C THR A 800 15.11 -13.81 25.61
N TYR A 801 15.15 -15.02 25.04
CA TYR A 801 16.11 -15.34 24.01
C TYR A 801 15.39 -15.88 22.78
N SER A 802 15.69 -15.30 21.62
CA SER A 802 15.07 -15.71 20.38
C SER A 802 16.11 -16.17 19.37
N LYS A 803 15.78 -17.21 18.61
CA LYS A 803 16.71 -17.73 17.62
C LYS A 803 16.36 -17.26 16.21
N ALA A 804 17.15 -16.34 15.69
CA ALA A 804 17.15 -16.04 14.26
C ALA A 804 15.75 -16.03 13.67
N LYS A 805 15.63 -16.71 12.52
CA LYS A 805 14.35 -17.00 11.89
C LYS A 805 14.69 -17.76 10.61
N GLU A 806 13.73 -18.54 10.13
CA GLU A 806 13.86 -19.24 8.86
C GLU A 806 12.63 -18.80 8.10
N ILE A 807 12.71 -18.40 6.83
CA ILE A 807 13.70 -18.71 5.78
C ILE A 807 13.39 -20.06 5.19
N THR A 808 12.72 -20.91 5.95
CA THR A 808 11.92 -21.95 5.33
C THR A 808 10.49 -21.44 5.36
N GLU A 809 10.27 -20.44 6.22
CA GLU A 809 8.96 -19.86 6.43
C GLU A 809 8.79 -18.56 5.67
N LEU A 810 9.87 -18.12 5.02
CA LEU A 810 9.83 -16.92 4.22
C LEU A 810 9.81 -17.28 2.74
N LEU A 811 9.66 -18.57 2.44
CA LEU A 811 9.68 -19.01 1.05
C LEU A 811 8.31 -19.49 0.58
N GLY A 812 8.24 -19.84 -0.71
CA GLY A 812 7.00 -20.26 -1.33
C GLY A 812 6.99 -20.10 -2.84
N SER A 813 5.91 -20.54 -3.47
CA SER A 813 5.78 -20.51 -4.92
C SER A 813 4.45 -19.91 -5.34
N ARG A 814 4.43 -19.25 -6.48
CA ARG A 814 3.20 -18.67 -7.01
C ARG A 814 2.26 -19.74 -7.54
N ALA A 815 2.84 -20.84 -8.02
CA ALA A 815 2.05 -21.98 -8.48
C ALA A 815 1.12 -21.62 -9.65
N LEU A 816 1.70 -21.46 -10.82
CA LEU A 816 0.95 -21.20 -12.05
C LEU A 816 0.67 -22.50 -12.82
N LEU A 817 0.12 -22.35 -14.03
CA LEU A 817 -0.28 -23.49 -14.86
C LEU A 817 0.86 -24.48 -15.15
N ASN A 818 0.52 -25.76 -15.16
CA ASN A 818 1.48 -26.84 -15.34
C ASN A 818 2.54 -26.90 -14.22
N GLY A 819 3.78 -27.13 -14.60
CA GLY A 819 4.87 -27.21 -13.63
C GLY A 819 5.51 -25.85 -13.53
N ASN A 820 4.81 -24.86 -14.05
CA ASN A 820 5.28 -23.49 -14.04
C ASN A 820 4.87 -22.80 -12.75
N SER A 821 5.85 -22.21 -12.08
CA SER A 821 5.60 -21.32 -10.95
C SER A 821 6.83 -20.45 -10.75
N ARG A 822 6.64 -19.33 -10.07
CA ARG A 822 7.76 -18.47 -9.74
C ARG A 822 8.04 -18.55 -8.25
N ASN A 823 9.31 -18.71 -7.90
CA ASN A 823 9.71 -18.68 -6.50
C ASN A 823 9.51 -17.29 -5.95
N THR A 824 8.98 -17.21 -4.73
CA THR A 824 8.77 -15.92 -4.10
C THR A 824 9.33 -15.95 -2.67
N LYS A 825 9.21 -14.82 -1.98
CA LYS A 825 9.58 -14.75 -0.58
C LYS A 825 8.77 -13.68 0.12
N ALA A 826 8.64 -13.79 1.42
CA ALA A 826 7.89 -12.82 2.20
C ALA A 826 8.73 -11.58 2.44
N THR A 827 10.04 -11.76 2.51
CA THR A 827 10.94 -10.73 3.00
C THR A 827 12.32 -10.82 2.34
N ALA A 828 13.08 -9.74 2.40
CA ALA A 828 14.40 -9.71 1.77
C ALA A 828 15.54 -10.26 2.65
N ARG A 829 15.28 -10.40 3.96
CA ARG A 829 16.34 -10.82 4.90
C ARG A 829 15.75 -11.45 6.15
N ARG A 830 16.55 -12.25 6.87
CA ARG A 830 16.07 -12.84 8.12
C ARG A 830 16.40 -11.94 9.30
N THR A 831 15.87 -12.29 10.47
CA THR A 831 16.04 -11.45 11.66
C THR A 831 17.30 -11.67 12.51
N ARG A 832 17.67 -12.94 12.70
CA ARG A 832 18.82 -13.34 13.53
C ARG A 832 18.56 -13.29 15.04
N PRO A 833 19.28 -14.15 15.81
CA PRO A 833 19.03 -14.40 17.23
C PRO A 833 19.54 -13.32 18.18
N TRP A 834 18.86 -13.19 19.32
CA TRP A 834 19.18 -12.14 20.29
C TRP A 834 18.65 -12.52 21.66
N TYR A 835 19.15 -11.86 22.71
CA TYR A 835 18.63 -12.09 24.05
C TYR A 835 18.69 -10.83 24.90
N ILE A 836 17.64 -10.61 25.70
CA ILE A 836 17.61 -9.48 26.63
C ILE A 836 17.20 -9.91 28.04
N VAL A 837 17.60 -9.10 29.03
CA VAL A 837 17.17 -9.31 30.40
C VAL A 837 16.50 -8.05 30.96
N ASP A 838 15.31 -8.24 31.52
CA ASP A 838 14.56 -7.14 32.10
C ASP A 838 14.57 -7.31 33.61
N VAL A 839 14.58 -6.21 34.35
CA VAL A 839 14.56 -6.29 35.81
C VAL A 839 13.51 -5.35 36.40
N SER A 840 12.60 -5.92 37.17
CA SER A 840 11.53 -5.12 37.77
C SER A 840 11.57 -5.17 39.30
N GLY A 841 10.94 -4.18 39.92
CA GLY A 841 10.87 -4.11 41.36
C GLY A 841 9.72 -3.22 41.78
N TYR A 842 9.44 -3.20 43.08
CA TYR A 842 8.34 -2.42 43.62
C TYR A 842 8.33 -2.43 45.15
N TYR A 843 7.78 -1.38 45.73
CA TYR A 843 7.66 -1.27 47.18
C TYR A 843 6.36 -0.52 47.49
N THR A 844 5.57 -1.05 48.43
CA THR A 844 4.28 -0.44 48.71
C THR A 844 4.27 0.26 50.06
N VAL A 845 5.27 1.12 50.28
CA VAL A 845 5.38 1.84 51.54
C VAL A 845 4.02 2.24 52.08
N LYS A 846 3.79 1.94 53.36
CA LYS A 846 2.52 2.30 54.02
C LYS A 846 1.39 1.72 53.20
N LYS A 847 1.22 0.40 53.21
CA LYS A 847 0.57 -0.18 52.06
C LYS A 847 -0.80 0.46 51.88
N HIS A 848 -0.80 1.40 50.94
CA HIS A 848 -1.91 1.84 50.13
C HIS A 848 -1.22 2.16 48.81
N PHE A 849 -0.27 3.10 48.94
CA PHE A 849 0.57 3.57 47.85
C PHE A 849 1.61 2.53 47.47
N THR A 850 1.57 2.09 46.23
CA THR A 850 2.57 1.14 45.73
C THR A 850 3.32 1.71 44.53
N LEU A 851 4.64 1.76 44.66
CA LEU A 851 5.52 2.22 43.60
C LEU A 851 6.19 1.03 42.94
N ARG A 852 6.36 1.11 41.62
CA ARG A 852 6.96 0.05 40.83
C ARG A 852 7.95 0.69 39.87
N ALA A 853 9.06 0.01 39.63
CA ALA A 853 10.07 0.49 38.70
C ALA A 853 10.59 -0.67 37.85
N GLY A 854 11.07 -0.38 36.66
CA GLY A 854 11.71 -1.40 35.85
C GLY A 854 12.72 -0.89 34.85
N VAL A 855 13.69 -1.74 34.56
CA VAL A 855 14.69 -1.44 33.56
C VAL A 855 14.73 -2.60 32.58
N TYR A 856 14.32 -2.35 31.35
CA TYR A 856 14.24 -3.38 30.33
C TYR A 856 15.40 -3.27 29.36
N ASN A 857 15.86 -4.41 28.88
CA ASN A 857 17.13 -4.47 28.19
C ASN A 857 18.18 -3.82 29.09
N LEU A 858 18.46 -4.46 30.22
CA LEU A 858 19.44 -3.98 31.18
C LEU A 858 20.79 -3.79 30.50
N LEU A 859 21.25 -4.83 29.83
CA LEU A 859 22.35 -4.70 28.88
C LEU A 859 21.76 -3.90 27.72
N ASN A 860 22.59 -3.18 26.97
CA ASN A 860 22.04 -2.47 25.83
C ASN A 860 21.64 -3.44 24.72
N TYR A 861 22.59 -4.28 24.30
CA TYR A 861 22.34 -5.32 23.32
C TYR A 861 21.48 -4.87 22.13
N ARG A 862 22.06 -4.08 21.24
CA ARG A 862 21.38 -3.67 20.03
C ARG A 862 20.96 -4.87 19.18
N TYR A 863 19.67 -4.92 18.83
CA TYR A 863 19.14 -6.01 18.01
C TYR A 863 17.90 -5.59 17.23
N VAL A 864 17.56 -6.35 16.19
CA VAL A 864 16.35 -6.09 15.42
C VAL A 864 15.43 -7.29 15.49
N THR A 865 14.30 -7.14 16.17
CA THR A 865 13.32 -8.21 16.30
C THR A 865 12.55 -8.34 15.00
N TRP A 866 11.99 -9.52 14.75
CA TRP A 866 11.23 -9.71 13.53
C TRP A 866 9.78 -9.56 13.93
N GLU A 867 9.25 -8.36 13.75
CA GLU A 867 7.85 -8.08 14.07
C GLU A 867 7.05 -7.15 13.14
N ASN A 868 7.47 -5.89 12.96
CA ASN A 868 8.87 -5.43 13.10
C ASN A 868 9.87 -6.07 12.13
N VAL A 869 9.87 -5.57 10.90
CA VAL A 869 10.50 -6.18 9.73
C VAL A 869 9.54 -7.14 9.06
N ARG A 870 8.47 -7.49 9.75
CA ARG A 870 7.37 -8.20 9.13
C ARG A 870 6.61 -7.14 8.34
N GLN A 871 6.86 -5.89 8.70
CA GLN A 871 6.23 -4.75 8.04
C GLN A 871 6.68 -4.63 6.59
N THR A 872 7.76 -5.33 6.25
CA THR A 872 8.28 -5.28 4.88
C THR A 872 7.76 -6.44 4.03
N ALA A 873 7.20 -6.09 2.88
CA ALA A 873 6.64 -7.05 1.94
C ALA A 873 5.68 -8.02 2.61
N GLY A 874 5.73 -9.27 2.17
CA GLY A 874 4.89 -10.33 2.73
C GLY A 874 3.41 -9.99 2.78
N GLY A 875 2.97 -9.10 1.90
CA GLY A 875 1.59 -8.65 1.90
C GLY A 875 1.10 -8.23 3.27
N ALA A 876 1.91 -7.45 3.98
CA ALA A 876 1.54 -6.95 5.30
C ALA A 876 0.40 -5.95 5.16
N VAL A 877 -0.34 -5.75 6.25
CA VAL A 877 -1.51 -4.85 6.20
C VAL A 877 -1.14 -3.49 5.60
N ASN A 878 -0.01 -2.94 6.03
CA ASN A 878 0.59 -1.79 5.34
C ASN A 878 2.07 -2.07 5.08
N GLN A 879 2.43 -2.24 3.82
CA GLN A 879 3.78 -2.67 3.47
C GLN A 879 4.80 -1.52 3.40
N HIS A 880 5.96 -1.74 4.00
CA HIS A 880 7.08 -0.82 3.85
C HIS A 880 7.95 -1.17 2.65
N LYS A 881 8.42 -0.15 1.95
CA LYS A 881 9.50 -0.27 0.96
C LYS A 881 10.15 1.10 0.77
N ASN A 882 11.35 1.14 0.22
CA ASN A 882 12.08 -0.07 -0.19
C ASN A 882 12.96 -0.66 0.91
N VAL A 883 13.03 0.04 2.05
CA VAL A 883 13.79 -0.44 3.21
C VAL A 883 15.12 -1.08 2.83
N GLY A 884 16.08 -0.26 2.41
CA GLY A 884 17.41 -0.75 2.10
C GLY A 884 18.28 -0.95 3.32
N VAL A 885 18.00 -0.17 4.37
CA VAL A 885 18.85 -0.17 5.56
C VAL A 885 18.49 -1.23 6.60
N TYR A 886 17.27 -1.16 7.13
CA TYR A 886 16.78 -2.10 8.15
C TYR A 886 17.16 -1.73 9.58
N ASN A 887 18.08 -0.78 9.74
CA ASN A 887 18.45 -0.31 11.05
C ASN A 887 17.24 0.33 11.75
N ARG A 888 16.32 0.84 10.94
CA ARG A 888 15.14 1.53 11.46
C ARG A 888 14.23 0.61 12.28
N TYR A 889 14.45 -0.70 12.14
CA TYR A 889 13.61 -1.69 12.80
C TYR A 889 14.17 -2.20 14.12
N ALA A 890 15.28 -1.60 14.56
CA ALA A 890 15.91 -1.98 15.82
C ALA A 890 14.95 -1.90 17.00
N ALA A 891 15.10 -2.83 17.94
CA ALA A 891 14.34 -2.79 19.18
C ALA A 891 14.99 -1.81 20.16
N PRO A 892 14.23 -1.37 21.17
CA PRO A 892 14.72 -0.37 22.13
C PRO A 892 15.98 -0.80 22.88
N GLY A 893 16.82 0.18 23.22
CA GLY A 893 17.95 -0.07 24.09
C GLY A 893 17.45 -0.11 25.53
N ARG A 894 18.35 0.10 26.49
CA ARG A 894 17.93 0.12 27.88
C ARG A 894 16.82 1.16 28.05
N ASN A 895 15.72 0.76 28.66
CA ASN A 895 14.64 1.70 28.95
C ASN A 895 14.04 1.55 30.34
N TYR A 896 13.58 2.67 30.90
CA TYR A 896 13.09 2.71 32.27
C TYR A 896 11.61 2.99 32.31
N THR A 897 10.85 2.13 32.98
CA THR A 897 9.44 2.42 33.20
C THR A 897 9.11 2.58 34.68
N PHE A 898 8.50 3.71 35.02
CA PHE A 898 8.22 4.04 36.41
C PHE A 898 6.73 4.21 36.65
N SER A 899 6.18 3.43 37.57
CA SER A 899 4.76 3.52 37.84
C SER A 899 4.48 3.76 39.31
N LEU A 900 3.45 4.54 39.59
CA LEU A 900 3.00 4.80 40.96
C LEU A 900 1.49 4.66 41.04
N GLU A 901 1.05 3.68 41.82
CA GLU A 901 -0.38 3.46 42.05
C GLU A 901 -0.73 3.74 43.51
N MET A 902 -1.94 4.25 43.73
CA MET A 902 -2.41 4.52 45.07
C MET A 902 -3.90 4.24 45.16
N LYS A 903 -4.34 3.65 46.27
CA LYS A 903 -5.75 3.28 46.43
C LYS A 903 -6.25 3.57 47.83
N PHE A 904 -7.56 3.78 47.94
CA PHE A 904 -8.20 4.08 49.23
C PHE A 904 -9.37 3.15 49.49
N ASP B 1 -18.86 -12.75 -20.68
CA ASP B 1 -18.96 -14.20 -20.83
C ASP B 1 -17.59 -14.86 -20.70
N GLU B 2 -17.52 -16.14 -21.03
CA GLU B 2 -16.28 -16.90 -20.93
C GLU B 2 -15.26 -16.42 -21.95
N CYS B 3 -14.83 -15.17 -21.80
CA CYS B 3 -13.84 -14.58 -22.70
C CYS B 3 -12.61 -15.48 -22.81
N LYS B 4 -12.25 -15.83 -24.04
CA LYS B 4 -11.11 -16.71 -24.29
C LYS B 4 -9.82 -15.89 -24.21
N PRO B 5 -8.66 -16.57 -24.32
CA PRO B 5 -7.38 -15.87 -24.20
C PRO B 5 -7.20 -14.76 -25.25
N VAL B 6 -6.27 -13.85 -24.98
CA VAL B 6 -5.92 -12.79 -25.91
C VAL B 6 -4.49 -13.00 -26.39
N LYS B 7 -4.31 -13.02 -27.71
CA LYS B 7 -2.98 -13.20 -28.28
C LYS B 7 -2.30 -11.86 -28.50
N TRP B 8 -1.06 -11.74 -28.02
CA TRP B 8 -0.31 -10.51 -28.21
C TRP B 8 0.74 -10.69 -29.32
N CYS B 9 0.91 -9.66 -30.14
CA CYS B 9 1.88 -9.73 -31.22
C CYS B 9 3.18 -9.07 -30.79
N ALA B 10 4.22 -9.89 -30.62
CA ALA B 10 5.52 -9.38 -30.19
C ALA B 10 6.41 -9.11 -31.40
N LEU B 11 6.77 -7.84 -31.58
CA LEU B 11 7.47 -7.41 -32.78
C LEU B 11 8.92 -7.88 -32.84
N SER B 12 9.48 -8.23 -31.68
CA SER B 12 10.89 -8.57 -31.58
C SER B 12 11.08 -9.88 -30.84
N HIS B 13 12.34 -10.27 -30.64
CA HIS B 13 12.65 -11.42 -29.80
C HIS B 13 12.34 -11.07 -28.34
N HIS B 14 12.75 -9.87 -27.93
CA HIS B 14 12.55 -9.42 -26.56
C HIS B 14 11.08 -9.16 -26.26
N GLU B 15 10.39 -8.53 -27.20
CA GLU B 15 8.94 -8.37 -27.08
C GLU B 15 8.32 -9.74 -26.84
N ARG B 16 8.81 -10.74 -27.57
CA ARG B 16 8.34 -12.11 -27.39
C ARG B 16 8.61 -12.64 -25.98
N LEU B 17 9.87 -12.65 -25.53
CA LEU B 17 10.19 -13.14 -24.20
C LEU B 17 9.30 -12.51 -23.13
N LYS B 18 9.25 -11.18 -23.13
CA LYS B 18 8.41 -10.47 -22.19
C LYS B 18 6.99 -11.03 -22.27
N CYS B 19 6.49 -11.14 -23.50
CA CYS B 19 5.14 -11.64 -23.69
C CYS B 19 4.99 -13.04 -23.09
N ASP B 20 6.05 -13.84 -23.13
CA ASP B 20 6.01 -15.17 -22.55
C ASP B 20 5.82 -15.11 -21.05
N GLU B 21 6.74 -14.45 -20.36
CA GLU B 21 6.63 -14.37 -18.91
C GLU B 21 5.22 -13.89 -18.56
N TRP B 22 4.77 -12.89 -19.30
CA TRP B 22 3.41 -12.38 -19.12
C TRP B 22 2.42 -13.55 -19.20
N SER B 23 2.47 -14.27 -20.31
CA SER B 23 1.59 -15.39 -20.58
C SER B 23 1.50 -16.28 -19.34
N VAL B 24 2.64 -16.81 -18.94
CA VAL B 24 2.71 -17.64 -17.73
C VAL B 24 1.98 -16.98 -16.54
N ASN B 25 2.50 -15.85 -16.07
CA ASN B 25 1.93 -15.22 -14.88
C ASN B 25 0.42 -14.93 -14.98
N SER B 26 -0.03 -14.68 -16.20
CA SER B 26 -1.44 -14.44 -16.46
C SER B 26 -2.25 -15.72 -16.38
N VAL B 27 -1.54 -16.84 -16.18
CA VAL B 27 -2.13 -18.18 -16.26
C VAL B 27 -2.99 -18.35 -17.51
N GLY B 28 -2.43 -17.98 -18.66
CA GLY B 28 -3.07 -18.25 -19.94
C GLY B 28 -4.18 -17.29 -20.31
N LYS B 29 -4.54 -16.39 -19.40
CA LYS B 29 -5.51 -15.35 -19.70
C LYS B 29 -5.01 -14.53 -20.88
N ILE B 30 -3.70 -14.65 -21.13
CA ILE B 30 -3.07 -13.99 -22.26
C ILE B 30 -1.99 -14.89 -22.86
N GLU B 31 -1.99 -15.00 -24.19
CA GLU B 31 -0.96 -15.76 -24.89
C GLU B 31 -0.37 -14.94 -26.05
N CYS B 32 0.72 -15.43 -26.63
CA CYS B 32 1.49 -14.64 -27.58
C CYS B 32 1.68 -15.29 -28.94
N VAL B 33 1.80 -14.45 -29.97
CA VAL B 33 2.17 -14.87 -31.31
C VAL B 33 3.18 -13.88 -31.88
N SER B 34 4.35 -14.38 -32.27
CA SER B 34 5.44 -13.54 -32.79
C SER B 34 5.22 -13.07 -34.22
N ALA B 35 5.94 -12.01 -34.60
CA ALA B 35 5.87 -11.49 -35.96
C ALA B 35 7.22 -10.92 -36.41
N GLU B 36 7.42 -10.81 -37.71
CA GLU B 36 8.66 -10.27 -38.28
C GLU B 36 8.67 -8.75 -38.25
N THR B 37 7.54 -8.16 -38.62
CA THR B 37 7.41 -6.71 -38.72
C THR B 37 6.13 -6.26 -38.04
N THR B 38 6.04 -4.98 -37.70
CA THR B 38 4.86 -4.48 -37.02
C THR B 38 3.63 -4.61 -37.93
N GLU B 39 3.85 -4.51 -39.23
CA GLU B 39 2.75 -4.52 -40.18
C GLU B 39 2.12 -5.91 -40.25
N ASP B 40 2.89 -6.88 -40.74
CA ASP B 40 2.36 -8.23 -40.84
C ASP B 40 1.82 -8.67 -39.48
N CYS B 41 2.37 -8.09 -38.42
CA CYS B 41 1.86 -8.34 -37.07
C CYS B 41 0.39 -7.92 -37.03
N ILE B 42 0.14 -6.65 -37.37
CA ILE B 42 -1.24 -6.18 -37.41
C ILE B 42 -2.09 -7.00 -38.38
N ALA B 43 -1.45 -7.67 -39.34
CA ALA B 43 -2.17 -8.55 -40.27
C ALA B 43 -2.64 -9.84 -39.60
N LYS B 44 -1.72 -10.53 -38.93
CA LYS B 44 -2.04 -11.69 -38.11
C LYS B 44 -3.22 -11.29 -37.24
N ILE B 45 -3.17 -10.09 -36.69
CA ILE B 45 -4.35 -9.60 -36.00
C ILE B 45 -5.55 -9.65 -36.95
N MET B 46 -5.41 -9.06 -38.13
CA MET B 46 -6.53 -8.91 -39.05
C MET B 46 -7.30 -10.22 -39.29
N ASN B 47 -6.57 -11.30 -39.56
CA ASN B 47 -7.21 -12.57 -39.92
C ASN B 47 -7.72 -13.43 -38.75
N GLY B 48 -7.32 -13.06 -37.54
CA GLY B 48 -7.72 -13.82 -36.37
C GLY B 48 -6.59 -14.63 -35.75
N GLU B 49 -5.40 -14.53 -36.33
CA GLU B 49 -4.23 -15.21 -35.77
C GLU B 49 -3.81 -14.59 -34.43
N ALA B 50 -4.09 -13.31 -34.26
CA ALA B 50 -3.75 -12.61 -33.02
C ALA B 50 -4.88 -11.66 -32.61
N ASP B 51 -5.04 -11.46 -31.30
CA ASP B 51 -6.13 -10.60 -30.81
C ASP B 51 -5.83 -9.12 -30.52
N ALA B 52 -4.56 -8.71 -30.47
CA ALA B 52 -4.25 -7.30 -30.19
C ALA B 52 -2.76 -6.94 -30.04
N MET B 53 -2.51 -5.64 -30.09
CA MET B 53 -1.21 -5.05 -29.82
C MET B 53 -1.43 -3.56 -29.57
N SER B 54 -0.37 -2.84 -29.24
CA SER B 54 -0.46 -1.37 -29.13
C SER B 54 0.51 -0.75 -30.12
N LEU B 55 0.12 0.37 -30.73
CA LEU B 55 0.95 1.01 -31.76
C LEU B 55 0.77 2.53 -31.80
N ASP B 56 1.72 3.21 -32.43
CA ASP B 56 1.72 4.68 -32.47
C ASP B 56 0.64 5.22 -33.40
N GLY B 57 0.54 6.55 -33.47
CA GLY B 57 -0.53 7.18 -34.21
C GLY B 57 -0.69 6.70 -35.64
N GLY B 58 0.39 6.77 -36.42
CA GLY B 58 0.33 6.39 -37.83
C GLY B 58 -0.22 4.99 -38.03
N PHE B 59 0.34 4.03 -37.30
CA PHE B 59 -0.12 2.67 -37.40
C PHE B 59 -1.57 2.52 -36.93
N VAL B 60 -1.95 3.27 -35.92
CA VAL B 60 -3.35 3.31 -35.50
C VAL B 60 -4.21 3.74 -36.68
N TYR B 61 -3.73 4.69 -37.48
CA TYR B 61 -4.43 5.17 -38.67
C TYR B 61 -4.56 4.01 -39.66
N ILE B 62 -3.43 3.36 -39.95
CA ILE B 62 -3.43 2.24 -40.89
C ILE B 62 -4.43 1.15 -40.51
N ALA B 63 -4.30 0.62 -39.30
CA ALA B 63 -5.24 -0.40 -38.82
C ALA B 63 -6.66 0.14 -38.80
N GLY B 64 -6.77 1.44 -38.58
CA GLY B 64 -8.06 2.10 -38.50
C GLY B 64 -8.81 1.90 -39.79
N LYS B 65 -8.15 2.24 -40.89
CA LYS B 65 -8.74 2.01 -42.22
C LYS B 65 -8.94 0.51 -42.45
N CYS B 66 -8.10 -0.31 -41.82
CA CYS B 66 -8.22 -1.77 -41.93
C CYS B 66 -9.42 -2.30 -41.14
N GLY B 67 -10.11 -1.41 -40.44
CA GLY B 67 -11.36 -1.78 -39.78
C GLY B 67 -11.23 -2.13 -38.32
N LEU B 68 -10.04 -1.98 -37.77
CA LEU B 68 -9.84 -2.26 -36.35
C LEU B 68 -10.25 -1.04 -35.53
N VAL B 69 -10.24 -1.16 -34.21
CA VAL B 69 -10.61 -0.05 -33.35
C VAL B 69 -9.75 0.00 -32.08
N PRO B 70 -9.37 1.21 -31.65
CA PRO B 70 -8.63 1.34 -30.38
C PRO B 70 -9.51 1.08 -29.15
N VAL B 71 -9.08 0.17 -28.29
CA VAL B 71 -9.74 -0.07 -27.01
C VAL B 71 -9.28 0.79 -25.83
N LEU B 72 -7.96 0.96 -25.72
CA LEU B 72 -7.35 1.62 -24.56
C LEU B 72 -6.13 2.45 -24.96
N ALA B 73 -5.87 3.51 -24.19
CA ALA B 73 -4.73 4.38 -24.45
C ALA B 73 -3.64 4.21 -23.40
N GLU B 74 -2.38 4.40 -23.80
CA GLU B 74 -1.27 4.43 -22.86
C GLU B 74 -1.13 5.81 -22.20
N ASN B 75 -1.21 5.85 -20.87
CA ASN B 75 -1.09 7.12 -20.14
C ASN B 75 0.19 7.23 -19.31
N TYR B 76 0.97 8.27 -19.59
CA TYR B 76 2.25 8.46 -18.91
C TYR B 76 2.20 9.47 -17.74
N ASN B 77 1.05 10.11 -17.55
CA ASN B 77 0.90 11.08 -16.46
C ASN B 77 0.63 10.41 -15.11
N LYS B 78 1.16 11.01 -14.04
CA LYS B 78 0.81 10.56 -12.69
C LYS B 78 -0.47 11.23 -12.21
N SER B 79 -1.50 10.43 -11.96
CA SER B 79 -2.79 10.97 -11.59
C SER B 79 -3.48 10.01 -10.62
N ASP B 80 -4.40 10.55 -9.82
CA ASP B 80 -5.17 9.72 -8.90
C ASP B 80 -6.26 8.95 -9.63
N ASN B 81 -6.84 9.57 -10.65
CA ASN B 81 -7.63 8.81 -11.59
C ASN B 81 -6.88 8.83 -12.91
N CYS B 82 -6.14 7.75 -13.16
CA CYS B 82 -5.31 7.65 -14.34
C CYS B 82 -6.17 7.17 -15.50
N GLU B 83 -7.04 6.21 -15.21
CA GLU B 83 -7.78 5.50 -16.22
C GLU B 83 -8.91 6.36 -16.77
N ASP B 84 -9.58 7.08 -15.87
CA ASP B 84 -10.66 7.99 -16.23
C ASP B 84 -10.21 9.07 -17.22
N THR B 85 -9.16 9.82 -16.87
CA THR B 85 -8.74 10.96 -17.68
C THR B 85 -7.93 10.59 -18.92
N PRO B 86 -8.40 11.01 -20.11
CA PRO B 86 -7.68 10.78 -21.37
C PRO B 86 -6.53 11.77 -21.54
N GLU B 87 -5.44 11.35 -22.19
CA GLU B 87 -4.29 12.22 -22.37
C GLU B 87 -4.20 12.82 -23.77
N ALA B 88 -3.72 14.05 -23.84
CA ALA B 88 -3.70 14.84 -25.08
C ALA B 88 -2.67 14.40 -26.11
N GLY B 89 -1.82 13.44 -25.75
CA GLY B 89 -0.80 12.94 -26.66
C GLY B 89 0.49 13.74 -26.68
N TYR B 90 1.14 13.81 -27.83
CA TYR B 90 2.42 14.50 -27.96
C TYR B 90 2.54 15.34 -29.23
N PHE B 91 3.59 16.14 -29.32
CA PHE B 91 3.76 17.06 -30.45
C PHE B 91 4.96 16.73 -31.34
N ALA B 92 4.72 16.74 -32.64
CA ALA B 92 5.79 16.62 -33.62
C ALA B 92 6.36 18.01 -33.84
N VAL B 93 7.68 18.08 -33.95
CA VAL B 93 8.38 19.35 -34.06
C VAL B 93 9.57 19.27 -35.02
N ALA B 94 9.86 20.41 -35.64
CA ALA B 94 11.06 20.56 -36.45
C ALA B 94 12.08 21.39 -35.67
N VAL B 95 13.19 20.75 -35.31
CA VAL B 95 14.20 21.31 -34.42
C VAL B 95 15.44 21.77 -35.19
N VAL B 96 16.01 22.89 -34.77
CA VAL B 96 17.22 23.43 -35.39
C VAL B 96 18.14 24.09 -34.35
N LYS B 97 19.39 24.33 -34.73
CA LYS B 97 20.32 25.03 -33.85
C LYS B 97 19.94 26.50 -33.74
N LYS B 98 19.97 27.05 -32.52
CA LYS B 98 19.62 28.46 -32.33
C LYS B 98 20.65 29.32 -33.01
N SER B 99 21.82 28.72 -33.27
CA SER B 99 22.91 29.42 -33.91
C SER B 99 22.82 29.24 -35.41
N ALA B 100 21.82 28.51 -35.88
CA ALA B 100 21.77 28.27 -37.29
C ALA B 100 20.94 29.35 -37.94
N SER B 101 21.66 30.30 -38.51
CA SER B 101 21.25 31.11 -39.64
C SER B 101 19.80 31.59 -39.68
N ASP B 102 19.31 31.50 -40.91
CA ASP B 102 18.02 32.01 -41.33
C ASP B 102 16.93 30.96 -41.53
N LEU B 103 17.21 29.70 -41.22
CA LEU B 103 16.27 28.63 -41.55
C LEU B 103 14.87 28.97 -41.08
N THR B 104 13.91 28.84 -41.99
CA THR B 104 12.51 29.04 -41.69
C THR B 104 11.70 27.92 -42.32
N TRP B 105 10.45 27.75 -41.90
CA TRP B 105 9.65 26.64 -42.39
C TRP B 105 9.50 26.66 -43.91
N ASP B 106 9.26 27.83 -44.48
CA ASP B 106 9.06 27.95 -45.93
C ASP B 106 10.33 27.67 -46.74
N ASN B 107 11.48 28.10 -46.23
CA ASN B 107 12.73 27.99 -46.98
C ASN B 107 13.53 26.70 -46.78
N LEU B 108 12.93 25.70 -46.12
CA LEU B 108 13.59 24.42 -45.89
C LEU B 108 14.17 23.75 -47.14
N LYS B 109 13.64 24.11 -48.31
CA LYS B 109 14.07 23.52 -49.57
C LYS B 109 15.58 23.68 -49.81
N GLY B 110 16.25 22.56 -50.11
CA GLY B 110 17.68 22.58 -50.33
C GLY B 110 18.45 22.32 -49.05
N LYS B 111 17.79 22.47 -47.92
CA LYS B 111 18.41 22.25 -46.62
C LYS B 111 18.62 20.76 -46.34
N LYS B 112 19.50 20.46 -45.39
CA LYS B 112 19.81 19.07 -45.02
C LYS B 112 18.90 18.58 -43.91
N SER B 113 18.29 17.41 -44.07
CA SER B 113 17.29 16.98 -43.09
C SER B 113 17.64 15.72 -42.30
N CYS B 114 17.13 15.66 -41.07
CA CYS B 114 17.32 14.50 -40.20
C CYS B 114 15.98 13.93 -39.78
N HIS B 115 15.71 12.67 -40.14
CA HIS B 115 14.43 12.02 -39.85
C HIS B 115 14.59 10.78 -38.97
N THR B 116 13.54 10.42 -38.24
CA THR B 116 13.62 9.25 -37.37
C THR B 116 13.64 7.96 -38.19
N ALA B 117 12.61 7.77 -39.00
CA ALA B 117 12.56 6.71 -39.99
C ALA B 117 11.48 7.04 -41.00
N VAL B 118 11.56 6.45 -42.19
CA VAL B 118 10.51 6.63 -43.19
C VAL B 118 9.23 5.95 -42.73
N GLY B 119 8.10 6.60 -42.98
CA GLY B 119 6.81 6.01 -42.69
C GLY B 119 6.37 6.19 -41.26
N ARG B 120 7.32 6.49 -40.37
CA ARG B 120 6.99 6.71 -38.96
C ARG B 120 6.33 8.08 -38.76
N THR B 121 5.60 8.23 -37.65
CA THR B 121 4.70 9.36 -37.44
C THR B 121 5.31 10.76 -37.56
N ALA B 122 6.10 11.17 -36.57
CA ALA B 122 6.60 12.54 -36.49
C ALA B 122 7.82 12.81 -37.39
N GLY B 123 8.69 11.81 -37.53
CA GLY B 123 9.88 11.97 -38.33
C GLY B 123 9.61 11.99 -39.82
N TRP B 124 8.47 11.43 -40.22
CA TRP B 124 8.15 11.34 -41.64
C TRP B 124 6.74 11.81 -41.98
N ASN B 125 5.74 11.09 -41.48
CA ASN B 125 4.36 11.31 -41.88
C ASN B 125 3.91 12.76 -41.78
N ILE B 126 4.08 13.34 -40.60
CA ILE B 126 3.64 14.71 -40.36
C ILE B 126 4.39 15.73 -41.23
N PRO B 127 5.72 15.77 -41.11
CA PRO B 127 6.49 16.79 -41.85
C PRO B 127 6.32 16.68 -43.36
N MET B 128 6.46 15.46 -43.87
CA MET B 128 6.40 15.23 -45.30
C MET B 128 4.97 15.41 -45.79
N GLY B 129 4.01 15.18 -44.89
CA GLY B 129 2.60 15.39 -45.20
C GLY B 129 2.28 16.85 -45.34
N LEU B 130 2.90 17.70 -44.51
CA LEU B 130 2.69 19.14 -44.59
C LEU B 130 3.42 19.73 -45.79
N LEU B 131 4.61 19.22 -46.10
CA LEU B 131 5.37 19.73 -47.25
C LEU B 131 4.80 19.21 -48.58
N TYR B 132 4.08 18.10 -48.52
CA TYR B 132 3.50 17.51 -49.71
C TYR B 132 2.57 18.46 -50.46
N ASN B 133 1.79 19.24 -49.71
CA ASN B 133 0.90 20.22 -50.32
C ASN B 133 1.68 21.32 -51.04
N LYS B 134 2.80 21.72 -50.45
CA LYS B 134 3.71 22.62 -51.14
C LYS B 134 4.19 22.00 -52.45
N ILE B 135 4.96 20.91 -52.37
CA ILE B 135 5.54 20.31 -53.57
C ILE B 135 4.59 19.42 -54.39
N ASN B 136 3.55 18.90 -53.74
CA ASN B 136 2.50 18.12 -54.42
C ASN B 136 2.97 17.07 -55.41
N HIS B 137 4.04 16.37 -55.07
CA HIS B 137 4.43 15.16 -55.77
C HIS B 137 5.07 14.23 -54.75
N CYS B 138 5.50 13.05 -55.18
CA CYS B 138 5.95 12.03 -54.22
C CYS B 138 7.46 11.92 -53.95
N ARG B 139 8.28 12.67 -54.68
CA ARG B 139 9.72 12.50 -54.50
C ARG B 139 10.28 13.50 -53.50
N PHE B 140 10.64 13.01 -52.32
CA PHE B 140 11.20 13.84 -51.26
C PHE B 140 12.72 13.84 -51.30
N ASP B 141 13.27 12.95 -52.12
CA ASP B 141 14.71 12.92 -52.38
C ASP B 141 15.10 14.23 -53.05
N GLU B 142 14.13 14.82 -53.75
CA GLU B 142 14.34 16.03 -54.55
C GLU B 142 14.31 17.32 -53.74
N PHE B 143 13.53 17.33 -52.66
CA PHE B 143 13.30 18.56 -51.90
C PHE B 143 14.52 19.00 -51.10
N PHE B 144 15.10 18.07 -50.34
CA PHE B 144 16.28 18.36 -49.55
C PHE B 144 17.54 18.01 -50.33
N SER B 145 18.56 18.85 -50.21
CA SER B 145 19.82 18.58 -50.87
C SER B 145 20.35 17.23 -50.43
N GLU B 146 19.99 16.84 -49.21
CA GLU B 146 20.42 15.58 -48.63
C GLU B 146 19.93 15.47 -47.20
N GLY B 147 20.04 14.26 -46.63
CA GLY B 147 19.65 14.05 -45.25
C GLY B 147 19.78 12.60 -44.85
N CYS B 148 19.22 12.26 -43.70
CA CYS B 148 19.12 10.87 -43.28
C CYS B 148 17.67 10.48 -43.04
N ALA B 149 17.14 9.64 -43.92
CA ALA B 149 15.88 8.97 -43.68
C ALA B 149 16.16 7.48 -43.64
N PRO B 150 16.14 6.88 -42.44
CA PRO B 150 16.36 5.44 -42.30
C PRO B 150 15.27 4.63 -42.99
N GLY B 151 15.67 3.68 -43.84
CA GLY B 151 14.72 2.90 -44.60
C GLY B 151 14.59 3.34 -46.04
N SER B 152 15.19 4.48 -46.37
CA SER B 152 15.19 4.98 -47.75
C SER B 152 16.18 4.16 -48.60
N LYS B 153 16.01 4.21 -49.92
CA LYS B 153 16.92 3.52 -50.84
C LYS B 153 18.37 3.91 -50.55
N LYS B 154 19.27 2.92 -50.59
CA LYS B 154 20.67 3.15 -50.22
C LYS B 154 21.34 4.22 -51.08
N ASP B 155 20.98 4.28 -52.36
CA ASP B 155 21.54 5.29 -53.26
C ASP B 155 20.76 6.61 -53.19
N SER B 156 19.75 6.65 -52.33
CA SER B 156 18.94 7.85 -52.14
C SER B 156 19.76 8.97 -51.54
N SER B 157 19.45 10.21 -51.91
CA SER B 157 20.15 11.36 -51.36
C SER B 157 19.87 11.45 -49.86
N LEU B 158 18.78 10.80 -49.44
CA LEU B 158 18.36 10.85 -48.05
C LEU B 158 19.10 9.84 -47.17
N CYS B 159 19.97 9.04 -47.78
CA CYS B 159 20.91 8.23 -47.00
C CYS B 159 22.28 8.90 -46.94
N LYS B 160 22.43 10.03 -47.62
CA LYS B 160 23.72 10.69 -47.75
C LYS B 160 24.30 11.08 -46.38
N LEU B 161 23.42 11.50 -45.46
CA LEU B 161 23.86 11.87 -44.13
C LEU B 161 24.05 10.69 -43.18
N CYS B 162 23.15 9.71 -43.28
CA CYS B 162 23.11 8.63 -42.29
C CYS B 162 24.49 8.02 -42.03
N MET B 163 24.75 7.72 -40.76
CA MET B 163 25.99 7.04 -40.36
C MET B 163 25.80 5.53 -40.46
N GLY B 164 26.75 4.77 -39.93
CA GLY B 164 26.66 3.32 -39.99
C GLY B 164 27.34 2.79 -41.23
N SER B 165 27.82 1.54 -41.16
CA SER B 165 28.64 0.98 -42.21
C SER B 165 27.98 -0.19 -42.92
N GLY B 166 28.36 -0.42 -44.17
CA GLY B 166 27.86 -1.54 -44.93
C GLY B 166 26.35 -1.60 -45.08
N LEU B 167 25.83 -2.83 -45.09
CA LEU B 167 24.41 -3.08 -45.32
C LEU B 167 23.47 -2.28 -44.41
N ASN B 168 23.89 -2.07 -43.16
CA ASN B 168 23.02 -1.43 -42.18
C ASN B 168 22.98 0.10 -42.27
N LEU B 169 23.84 0.68 -43.09
CA LEU B 169 23.81 2.12 -43.31
C LEU B 169 22.42 2.53 -43.78
N CYS B 170 21.82 3.49 -43.10
CA CYS B 170 20.50 3.99 -43.46
C CYS B 170 19.39 3.01 -43.07
N GLU B 171 19.78 1.88 -42.50
CA GLU B 171 18.83 0.86 -42.07
C GLU B 171 17.80 1.44 -41.09
N PRO B 172 16.53 1.00 -41.22
CA PRO B 172 15.41 1.35 -40.35
C PRO B 172 15.62 1.00 -38.87
N ASN B 173 16.66 0.23 -38.55
CA ASN B 173 16.88 -0.23 -37.18
C ASN B 173 18.22 0.20 -36.59
N ASN B 174 18.38 -0.01 -35.28
CA ASN B 174 19.48 0.58 -34.52
C ASN B 174 20.86 0.27 -35.07
N LYS B 175 20.93 -0.65 -36.02
CA LYS B 175 22.16 -0.90 -36.74
C LYS B 175 22.68 0.41 -37.30
N GLU B 176 21.75 1.34 -37.52
CA GLU B 176 22.06 2.68 -38.03
C GLU B 176 21.96 3.70 -36.90
N GLY B 177 23.03 4.47 -36.72
CA GLY B 177 23.14 5.39 -35.59
C GLY B 177 22.18 6.57 -35.59
N TYR B 178 21.79 7.03 -36.77
CA TYR B 178 20.90 8.18 -36.89
C TYR B 178 19.42 7.77 -36.89
N TYR B 179 19.18 6.49 -36.64
CA TYR B 179 17.82 5.99 -36.49
C TYR B 179 17.16 6.44 -35.19
N GLY B 180 15.87 6.74 -35.25
CA GLY B 180 15.10 7.06 -34.07
C GLY B 180 15.01 8.55 -33.80
N TYR B 181 14.28 8.93 -32.75
CA TYR B 181 14.25 10.31 -32.30
C TYR B 181 15.68 10.68 -31.93
N THR B 182 16.30 9.80 -31.16
CA THR B 182 17.66 10.02 -30.70
C THR B 182 18.58 10.21 -31.90
N GLY B 183 18.61 9.22 -32.78
CA GLY B 183 19.50 9.24 -33.92
C GLY B 183 19.27 10.48 -34.76
N ALA B 184 18.02 10.91 -34.84
CA ALA B 184 17.65 12.06 -35.62
C ALA B 184 18.25 13.32 -35.02
N PHE B 185 18.16 13.44 -33.70
CA PHE B 185 18.73 14.60 -33.01
C PHE B 185 20.25 14.62 -33.16
N ARG B 186 20.86 13.47 -32.92
CA ARG B 186 22.30 13.34 -33.11
C ARG B 186 22.66 13.83 -34.50
N CYS B 187 21.89 13.40 -35.50
CA CYS B 187 22.07 13.85 -36.87
C CYS B 187 22.01 15.37 -36.95
N LEU B 188 21.01 15.97 -36.32
CA LEU B 188 20.91 17.42 -36.31
C LEU B 188 22.19 18.06 -35.79
N VAL B 189 22.64 17.63 -34.62
CA VAL B 189 23.83 18.23 -34.01
C VAL B 189 25.09 18.04 -34.86
N GLU B 190 25.31 16.82 -35.35
CA GLU B 190 26.51 16.53 -36.14
C GLU B 190 26.45 16.92 -37.65
N LYS B 191 25.29 16.78 -38.28
CA LYS B 191 25.22 16.92 -39.74
C LYS B 191 24.13 17.84 -40.31
N GLY B 192 22.86 17.45 -40.12
CA GLY B 192 21.74 18.13 -40.76
C GLY B 192 21.46 19.56 -40.31
N ASP B 193 20.63 20.26 -41.09
CA ASP B 193 20.10 21.56 -40.70
C ASP B 193 18.86 21.43 -39.83
N VAL B 194 17.99 20.49 -40.19
CA VAL B 194 16.71 20.32 -39.49
C VAL B 194 16.56 18.89 -38.99
N ALA B 195 15.85 18.72 -37.88
CA ALA B 195 15.52 17.40 -37.39
C ALA B 195 14.02 17.32 -37.13
N PHE B 196 13.38 16.26 -37.61
CA PHE B 196 11.96 16.10 -37.31
C PHE B 196 11.77 15.05 -36.23
N VAL B 197 11.39 15.51 -35.04
CA VAL B 197 11.30 14.63 -33.87
C VAL B 197 10.17 15.04 -32.94
N LYS B 198 9.95 14.30 -31.86
CA LYS B 198 8.91 14.70 -30.91
C LYS B 198 9.46 15.84 -30.07
N HIS B 199 8.62 16.41 -29.21
CA HIS B 199 9.03 17.57 -28.45
C HIS B 199 9.86 17.20 -27.22
N GLN B 200 9.92 15.91 -26.92
CA GLN B 200 10.72 15.44 -25.79
C GLN B 200 12.15 15.09 -26.19
N THR B 201 12.40 15.02 -27.49
CA THR B 201 13.68 14.50 -27.97
C THR B 201 14.88 15.29 -27.47
N VAL B 202 14.81 16.62 -27.57
CA VAL B 202 15.92 17.47 -27.18
C VAL B 202 16.24 17.39 -25.68
N PRO B 203 15.24 17.63 -24.82
CA PRO B 203 15.56 17.51 -23.39
C PRO B 203 16.11 16.12 -23.09
N GLN B 204 15.48 15.10 -23.67
CA GLN B 204 15.96 13.73 -23.53
C GLN B 204 17.46 13.61 -23.82
N ASN B 205 17.90 14.18 -24.92
CA ASN B 205 19.30 13.99 -25.31
C ASN B 205 20.29 15.08 -24.89
N THR B 206 19.80 16.04 -24.10
CA THR B 206 20.67 17.10 -23.59
C THR B 206 20.66 17.18 -22.07
N GLY B 207 21.64 17.87 -21.52
CA GLY B 207 21.70 18.13 -20.08
C GLY B 207 22.34 17.03 -19.26
N GLY B 208 22.91 16.04 -19.95
CA GLY B 208 23.56 14.94 -19.27
C GLY B 208 22.64 13.75 -19.10
N LYS B 209 21.42 13.85 -19.62
CA LYS B 209 20.48 12.73 -19.53
C LYS B 209 20.92 11.58 -20.44
N ASN B 210 21.67 11.91 -21.49
CA ASN B 210 22.21 10.90 -22.37
C ASN B 210 23.70 10.78 -22.12
N PRO B 211 24.16 9.61 -21.67
CA PRO B 211 25.56 9.35 -21.34
C PRO B 211 26.53 9.56 -22.50
N ASP B 212 26.15 9.14 -23.70
CA ASP B 212 27.06 9.11 -24.85
C ASP B 212 27.77 10.46 -25.04
N PRO B 213 29.02 10.42 -25.52
CA PRO B 213 29.89 11.59 -25.60
C PRO B 213 29.34 12.71 -26.50
N TRP B 214 28.81 12.38 -27.68
CA TRP B 214 28.30 13.41 -28.59
C TRP B 214 27.27 14.29 -27.90
N ALA B 215 26.40 13.66 -27.13
CA ALA B 215 25.48 14.37 -26.25
C ALA B 215 26.16 14.73 -24.93
N LYS B 216 25.36 15.10 -23.94
CA LYS B 216 25.82 15.28 -22.55
C LYS B 216 26.51 16.59 -22.22
N ASN B 217 27.10 17.25 -23.21
CA ASN B 217 27.52 18.64 -23.02
C ASN B 217 26.53 19.54 -23.73
N LEU B 218 25.58 18.91 -24.41
CA LEU B 218 24.66 19.60 -25.28
C LEU B 218 23.62 20.33 -24.46
N ASN B 219 23.48 21.64 -24.72
CA ASN B 219 22.57 22.49 -23.97
C ASN B 219 21.23 22.64 -24.67
N GLU B 220 20.19 22.11 -24.04
CA GLU B 220 18.84 22.16 -24.59
C GLU B 220 18.53 23.58 -25.06
N LYS B 221 18.97 24.57 -24.30
CA LYS B 221 18.70 25.97 -24.60
C LYS B 221 19.37 26.43 -25.89
N ASP B 222 20.29 25.63 -26.40
CA ASP B 222 21.02 26.01 -27.61
C ASP B 222 20.26 25.63 -28.87
N TYR B 223 19.10 25.00 -28.70
CA TYR B 223 18.30 24.53 -29.83
C TYR B 223 16.91 25.13 -29.76
N GLU B 224 16.34 25.41 -30.93
CA GLU B 224 14.99 25.92 -31.01
C GLU B 224 14.09 25.19 -32.01
N LEU B 225 12.89 25.73 -32.16
CA LEU B 225 11.82 25.13 -32.94
C LEU B 225 11.34 26.04 -34.06
N LEU B 226 11.14 25.45 -35.23
CA LEU B 226 10.62 26.13 -36.42
C LEU B 226 9.10 26.14 -36.42
N CYS B 227 8.51 27.33 -36.41
CA CYS B 227 7.05 27.43 -36.42
C CYS B 227 6.49 27.60 -37.85
N LEU B 228 5.34 27.01 -38.10
CA LEU B 228 4.74 27.00 -39.43
C LEU B 228 4.53 28.40 -40.02
N ASP B 229 4.54 29.42 -39.17
CA ASP B 229 4.33 30.80 -39.63
C ASP B 229 5.64 31.55 -39.96
N GLY B 230 6.76 30.86 -39.88
CA GLY B 230 8.05 31.45 -40.21
C GLY B 230 8.90 31.79 -39.00
N THR B 231 8.26 31.95 -37.85
CA THR B 231 8.93 32.29 -36.61
C THR B 231 9.47 31.05 -35.90
N ARG B 232 10.14 31.28 -34.77
CA ARG B 232 10.71 30.19 -33.97
C ARG B 232 10.32 30.33 -32.50
N LYS B 233 10.38 29.22 -31.77
CA LYS B 233 10.13 29.24 -30.33
C LYS B 233 11.10 28.30 -29.60
N PRO B 234 11.24 28.48 -28.27
CA PRO B 234 12.13 27.57 -27.54
C PRO B 234 11.56 26.15 -27.52
N VAL B 235 12.40 25.17 -27.18
CA VAL B 235 11.97 23.78 -27.13
C VAL B 235 10.79 23.54 -26.18
N GLU B 236 10.76 24.23 -25.04
CA GLU B 236 9.67 24.03 -24.08
C GLU B 236 8.38 24.66 -24.56
N GLU B 237 8.47 25.37 -25.69
CA GLU B 237 7.34 26.09 -26.26
C GLU B 237 6.57 25.34 -27.35
N TYR B 238 6.90 24.07 -27.55
CA TYR B 238 6.36 23.25 -28.63
C TYR B 238 4.84 23.34 -28.78
N ALA B 239 4.13 23.54 -27.68
CA ALA B 239 2.68 23.66 -27.75
C ALA B 239 2.25 24.79 -28.70
N ASN B 240 2.97 25.90 -28.67
CA ASN B 240 2.65 27.02 -29.54
C ASN B 240 3.47 27.15 -30.82
N CYS B 241 4.46 26.30 -31.01
CA CYS B 241 5.04 26.15 -32.33
C CYS B 241 5.39 24.69 -32.68
N HIS B 242 4.61 24.10 -33.58
CA HIS B 242 4.76 22.68 -33.91
C HIS B 242 4.08 22.34 -35.24
N LEU B 243 4.45 21.21 -35.83
CA LEU B 243 3.83 20.72 -37.06
C LEU B 243 2.42 20.13 -36.89
N ALA B 244 2.32 19.13 -36.02
CA ALA B 244 1.03 18.53 -35.67
C ALA B 244 1.12 17.73 -34.37
N ARG B 245 -0.03 17.46 -33.78
CA ARG B 245 -0.09 16.66 -32.56
C ARG B 245 -0.51 15.20 -32.84
N ALA B 246 0.34 14.26 -32.45
CA ALA B 246 0.03 12.84 -32.54
C ALA B 246 -0.67 12.38 -31.27
N PRO B 247 -1.39 11.26 -31.32
CA PRO B 247 -2.04 10.78 -30.10
C PRO B 247 -1.12 9.85 -29.32
N ASN B 248 -1.56 9.41 -28.15
CA ASN B 248 -0.81 8.44 -27.38
C ASN B 248 -0.84 7.08 -28.05
N HIS B 249 0.13 6.23 -27.73
CA HIS B 249 0.06 4.85 -28.18
C HIS B 249 -1.25 4.27 -27.68
N ALA B 250 -1.84 3.37 -28.45
CA ALA B 250 -3.07 2.73 -28.01
C ALA B 250 -3.12 1.27 -28.46
N VAL B 251 -3.90 0.47 -27.74
CA VAL B 251 -4.12 -0.92 -28.10
C VAL B 251 -5.33 -1.06 -29.03
N VAL B 252 -5.16 -1.86 -30.08
CA VAL B 252 -6.23 -2.07 -31.05
C VAL B 252 -6.57 -3.54 -31.22
N THR B 253 -7.85 -3.81 -31.44
CA THR B 253 -8.34 -5.17 -31.66
C THR B 253 -9.59 -5.14 -32.53
N ARG B 254 -9.94 -6.29 -33.10
CA ARG B 254 -11.10 -6.38 -33.98
C ARG B 254 -12.39 -6.11 -33.22
N LYS B 255 -13.43 -5.69 -33.93
CA LYS B 255 -14.65 -5.20 -33.28
C LYS B 255 -15.20 -6.13 -32.21
N ASP B 256 -15.31 -7.42 -32.53
CA ASP B 256 -15.91 -8.39 -31.61
C ASP B 256 -15.12 -8.53 -30.31
N LYS B 257 -13.81 -8.75 -30.43
CA LYS B 257 -12.95 -8.97 -29.28
C LYS B 257 -12.73 -7.68 -28.49
N GLU B 258 -13.20 -6.57 -29.03
CA GLU B 258 -13.00 -5.27 -28.39
C GLU B 258 -13.36 -5.33 -26.91
N ALA B 259 -14.64 -5.57 -26.63
CA ALA B 259 -15.12 -5.64 -25.25
C ALA B 259 -14.25 -6.58 -24.39
N CYS B 260 -13.94 -7.76 -24.92
CA CYS B 260 -13.16 -8.74 -24.17
C CYS B 260 -11.76 -8.24 -23.80
N VAL B 261 -10.97 -7.86 -24.81
CA VAL B 261 -9.63 -7.34 -24.59
C VAL B 261 -9.66 -6.18 -23.63
N HIS B 262 -10.61 -5.28 -23.83
CA HIS B 262 -10.84 -4.20 -22.88
C HIS B 262 -10.92 -4.76 -21.47
N LYS B 263 -11.81 -5.74 -21.28
CA LYS B 263 -12.03 -6.30 -19.95
C LYS B 263 -10.75 -6.91 -19.36
N ILE B 264 -10.18 -7.89 -20.05
CA ILE B 264 -9.02 -8.62 -19.55
C ILE B 264 -7.82 -7.72 -19.27
N LEU B 265 -7.55 -6.79 -20.18
CA LEU B 265 -6.39 -5.93 -20.05
C LEU B 265 -6.37 -5.16 -18.72
N ARG B 266 -7.51 -4.62 -18.32
CA ARG B 266 -7.60 -3.85 -17.07
C ARG B 266 -7.23 -4.72 -15.87
N GLN B 267 -7.79 -5.92 -15.84
CA GLN B 267 -7.40 -6.89 -14.83
C GLN B 267 -5.90 -7.06 -14.87
N GLN B 268 -5.36 -7.27 -16.06
CA GLN B 268 -3.93 -7.47 -16.21
C GLN B 268 -3.12 -6.34 -15.59
N GLN B 269 -3.52 -5.10 -15.83
CA GLN B 269 -2.80 -3.96 -15.27
C GLN B 269 -2.97 -3.88 -13.74
N HIS B 270 -4.13 -4.26 -13.22
CA HIS B 270 -4.27 -4.29 -11.77
C HIS B 270 -3.45 -5.39 -11.12
N LEU B 271 -3.23 -6.48 -11.84
CA LEU B 271 -2.37 -7.55 -11.34
C LEU B 271 -0.89 -7.15 -11.38
N PHE B 272 -0.44 -6.79 -12.58
CA PHE B 272 0.96 -6.46 -12.87
C PHE B 272 1.32 -4.98 -13.02
N GLY B 273 0.36 -4.09 -12.80
CA GLY B 273 0.53 -2.69 -13.17
C GLY B 273 1.42 -1.82 -12.30
N SER B 274 1.24 -0.51 -12.42
CA SER B 274 2.11 0.49 -11.79
C SER B 274 2.43 0.16 -10.32
N ASN B 275 1.41 0.11 -9.47
CA ASN B 275 1.59 -0.44 -8.13
C ASN B 275 0.47 -1.42 -7.79
N VAL B 276 0.83 -2.65 -7.44
CA VAL B 276 2.22 -3.02 -7.20
C VAL B 276 3.15 -3.06 -8.41
N THR B 277 4.26 -2.32 -8.30
CA THR B 277 5.45 -2.66 -9.07
C THR B 277 6.49 -3.18 -8.09
N ASP B 278 6.67 -4.50 -8.08
CA ASP B 278 7.88 -5.07 -7.55
C ASP B 278 8.32 -5.99 -8.66
N CYS B 279 9.36 -5.57 -9.38
CA CYS B 279 9.74 -6.25 -10.60
C CYS B 279 10.87 -7.19 -10.30
N SER B 280 11.21 -7.25 -9.02
CA SER B 280 12.35 -7.98 -8.54
C SER B 280 12.05 -9.48 -8.62
N GLY B 281 11.13 -9.93 -7.77
CA GLY B 281 10.73 -11.33 -7.75
C GLY B 281 9.35 -11.53 -8.36
N ASN B 282 8.79 -10.46 -8.92
CA ASN B 282 7.47 -10.53 -9.54
C ASN B 282 7.51 -10.06 -10.99
N PHE B 283 6.34 -10.02 -11.62
CA PHE B 283 6.24 -9.57 -13.00
C PHE B 283 5.58 -8.19 -13.06
N CYS B 284 6.28 -7.24 -13.68
CA CYS B 284 5.73 -5.91 -13.92
C CYS B 284 5.41 -5.78 -15.40
N LEU B 285 4.21 -5.30 -15.71
CA LEU B 285 3.74 -5.27 -17.08
C LEU B 285 4.43 -4.18 -17.89
N PHE B 286 4.50 -2.99 -17.32
CA PHE B 286 5.04 -1.84 -18.02
C PHE B 286 6.58 -1.75 -18.02
N ARG B 287 7.22 -2.25 -16.96
CA ARG B 287 8.68 -2.38 -16.93
C ARG B 287 9.14 -3.35 -18.01
N SER B 288 10.35 -3.17 -18.52
CA SER B 288 10.84 -3.99 -19.62
C SER B 288 12.30 -4.37 -19.43
N GLU B 289 12.68 -5.49 -20.03
CA GLU B 289 14.04 -6.01 -19.93
C GLU B 289 15.04 -5.10 -20.65
N THR B 290 14.59 -4.46 -21.71
CA THR B 290 15.45 -3.57 -22.49
C THR B 290 14.88 -2.15 -22.56
N LYS B 291 13.86 -1.99 -23.40
CA LYS B 291 13.21 -0.71 -23.60
C LYS B 291 11.72 -0.99 -23.70
N ASP B 292 10.94 0.00 -24.08
CA ASP B 292 9.49 -0.16 -24.05
C ASP B 292 9.09 -1.39 -24.87
N LEU B 293 8.40 -2.32 -24.22
CA LEU B 293 8.06 -3.61 -24.82
C LEU B 293 6.56 -3.89 -24.68
N LEU B 294 5.87 -3.91 -25.83
CA LEU B 294 4.43 -4.10 -25.87
C LEU B 294 3.77 -2.88 -25.25
N PHE B 295 4.56 -2.12 -24.50
CA PHE B 295 4.12 -0.89 -23.86
C PHE B 295 5.29 0.04 -23.63
N ARG B 296 5.02 1.34 -23.67
CA ARG B 296 6.02 2.30 -23.23
C ARG B 296 6.22 2.08 -21.73
N ASP B 297 7.48 2.03 -21.31
CA ASP B 297 7.79 1.86 -19.89
C ASP B 297 7.21 3.03 -19.07
N ASP B 298 7.10 4.18 -19.72
CA ASP B 298 6.56 5.38 -19.08
C ASP B 298 5.11 5.17 -18.69
N THR B 299 4.55 4.04 -19.10
CA THR B 299 3.14 3.76 -18.88
C THR B 299 2.77 3.70 -17.40
N VAL B 300 1.69 4.40 -17.08
CA VAL B 300 1.15 4.47 -15.73
C VAL B 300 -0.07 3.55 -15.64
N CYS B 301 -1.09 3.84 -16.43
CA CYS B 301 -2.22 2.94 -16.60
C CYS B 301 -2.74 2.97 -18.04
N LEU B 302 -3.58 1.98 -18.39
CA LEU B 302 -4.28 1.98 -19.68
C LEU B 302 -5.66 2.61 -19.49
N ALA B 303 -5.96 3.64 -20.26
CA ALA B 303 -7.14 4.47 -20.01
C ALA B 303 -8.26 4.30 -21.04
N LYS B 304 -9.49 4.55 -20.59
CA LYS B 304 -10.64 4.53 -21.47
C LYS B 304 -10.61 5.78 -22.34
N LEU B 305 -11.55 5.86 -23.29
CA LEU B 305 -11.57 6.97 -24.24
C LEU B 305 -12.97 7.55 -24.32
N HIS B 306 -13.13 8.79 -23.85
CA HIS B 306 -14.47 9.38 -23.73
C HIS B 306 -15.23 9.47 -25.04
N ASP B 307 -14.83 10.43 -25.86
CA ASP B 307 -15.51 10.68 -27.12
C ASP B 307 -14.86 10.02 -28.33
N ARG B 308 -13.65 9.49 -28.17
CA ARG B 308 -13.01 8.90 -29.33
C ARG B 308 -13.06 7.39 -29.27
N ASN B 309 -14.01 6.84 -30.01
CA ASN B 309 -14.10 5.41 -30.31
C ASN B 309 -13.30 5.09 -31.57
N THR B 310 -13.46 5.94 -32.57
CA THR B 310 -12.95 5.73 -33.91
C THR B 310 -11.54 6.26 -34.08
N TYR B 311 -10.74 5.56 -34.88
CA TYR B 311 -9.36 5.93 -35.13
C TYR B 311 -9.21 7.36 -35.65
N GLU B 312 -10.20 7.85 -36.38
CA GLU B 312 -10.14 9.21 -36.89
C GLU B 312 -10.32 10.25 -35.78
N LYS B 313 -11.36 10.07 -34.98
CA LYS B 313 -11.59 10.93 -33.82
C LYS B 313 -10.40 10.83 -32.86
N TYR B 314 -9.88 9.62 -32.72
CA TYR B 314 -8.72 9.37 -31.89
C TYR B 314 -7.50 10.19 -32.33
N LEU B 315 -7.04 9.95 -33.55
CA LEU B 315 -5.91 10.67 -34.12
C LEU B 315 -6.11 12.18 -34.15
N GLY B 316 -7.37 12.59 -34.29
CA GLY B 316 -7.71 14.00 -34.24
C GLY B 316 -7.44 14.74 -35.54
N GLU B 317 -8.13 15.87 -35.70
CA GLU B 317 -8.02 16.69 -36.89
C GLU B 317 -6.56 16.93 -37.26
N GLU B 318 -5.81 17.59 -36.39
CA GLU B 318 -4.45 18.00 -36.71
C GLU B 318 -3.65 16.86 -37.34
N TYR B 319 -3.70 15.67 -36.76
CA TYR B 319 -2.93 14.57 -37.35
C TYR B 319 -3.27 14.40 -38.81
N VAL B 320 -4.50 13.97 -39.09
CA VAL B 320 -4.96 13.84 -40.46
C VAL B 320 -5.03 15.22 -41.08
N LYS B 321 -5.05 15.30 -42.41
CA LYS B 321 -4.99 16.56 -43.13
C LYS B 321 -3.56 17.10 -43.09
N ALA B 322 -2.78 16.58 -42.14
CA ALA B 322 -1.33 16.69 -42.20
C ALA B 322 -0.84 15.39 -42.81
N VAL B 323 -1.75 14.44 -42.91
CA VAL B 323 -1.46 13.11 -43.42
C VAL B 323 -2.73 12.56 -44.05
N GLY B 324 -2.57 11.60 -44.95
CA GLY B 324 -3.68 11.10 -45.74
C GLY B 324 -3.73 11.95 -47.00
N ASN B 325 -3.23 13.17 -46.87
CA ASN B 325 -2.88 13.98 -48.02
C ASN B 325 -1.50 13.55 -48.49
N LEU B 326 -0.72 13.01 -47.55
CA LEU B 326 0.56 12.39 -47.86
C LEU B 326 0.31 11.05 -48.53
N ARG B 327 -0.53 10.23 -47.90
CA ARG B 327 -0.97 8.99 -48.50
C ARG B 327 -2.50 8.88 -48.46
N LYS B 328 -3.16 8.96 -49.61
CA LYS B 328 -2.52 9.21 -50.91
C LYS B 328 -1.45 8.18 -51.28
N CYS B 329 -0.22 8.65 -51.46
CA CYS B 329 0.87 7.78 -51.88
C CYS B 329 1.66 7.22 -50.70
N SER B 330 1.51 5.92 -50.48
CA SER B 330 2.30 5.20 -49.51
C SER B 330 2.59 3.81 -50.07
N THR B 331 3.84 3.36 -49.94
CA THR B 331 4.25 2.10 -50.53
C THR B 331 3.96 0.90 -49.62
N SER B 332 3.35 1.17 -48.47
CA SER B 332 2.95 0.09 -47.57
C SER B 332 1.89 -0.77 -48.25
N SER B 333 2.13 -2.07 -48.31
CA SER B 333 1.26 -3.00 -49.02
C SER B 333 -0.08 -3.16 -48.31
N LEU B 334 -0.03 -3.23 -46.98
CA LEU B 334 -1.23 -3.46 -46.19
C LEU B 334 -2.25 -2.34 -46.37
N LEU B 335 -1.77 -1.11 -46.45
CA LEU B 335 -2.65 0.03 -46.68
C LEU B 335 -3.36 -0.12 -48.02
N GLU B 336 -2.59 -0.43 -49.06
CA GLU B 336 -3.15 -0.61 -50.40
C GLU B 336 -4.25 -1.66 -50.36
N ALA B 337 -3.91 -2.85 -49.90
CA ALA B 337 -4.90 -3.92 -49.78
C ALA B 337 -6.14 -3.41 -49.04
N CYS B 338 -5.90 -2.74 -47.91
CA CYS B 338 -6.96 -2.24 -47.05
C CYS B 338 -7.91 -1.30 -47.78
N THR B 339 -7.38 -0.53 -48.72
CA THR B 339 -8.22 0.38 -49.52
C THR B 339 -9.12 -0.42 -50.45
#